data_3BXW
#
_entry.id   3BXW
#
_cell.length_a   100.110
_cell.length_b   100.110
_cell.length_c   249.970
_cell.angle_alpha   90.000
_cell.angle_beta   90.000
_cell.angle_gamma   120.000
#
_symmetry.space_group_name_H-M   'P 32 2 1'
#
loop_
_entity.id
_entity.type
_entity.pdbx_description
1 polymer 'Chitinase domain-containing protein 1'
2 non-polymer 'SULFATE ION'
3 water water
#
_entity_poly.entity_id   1
_entity_poly.type   'polypeptide(L)'
_entity_poly.pdbx_seq_one_letter_code
;MRTLFNLLWLALACSPVHTTLSKSDAKKAASKTLLEKSQFSDKPVQDRGLVVTDLKAESVVLEHRSYCSAKARDRHFAGD
VLGYVTPWNSHGYDVTKVFGSKFTQISPVWLQLKRRGREMFEVTGLHDVDQGWMRAVRKHAKGLHIVPRLLFEDWTYDDF
RNVLDSEDEIEELSKTVVQVAKNQHFDGFVVEVWNQLLSQKRVGLIHMLTHLAEALHQARLLALLVIPPAITPGTDQLGM
FTHKEFEQLAPVLDGFSLMTYDYSTAHQPGPNAPLSWVRACVQVLDPKSKWRSKILLGLNFYGMDYATSKDAREPVVGAR
YIQTLKDHRPRMVWDSQASEHFFEYKKSRSGRHVVFYPTLKSLQVRLELARELGVGVSIWELGQGLDYFYDLL
;
_entity_poly.pdbx_strand_id   B,A
#
loop_
_chem_comp.id
_chem_comp.type
_chem_comp.name
_chem_comp.formula
SO4 non-polymer 'SULFATE ION' 'O4 S -2'
#
# COMPACT_ATOMS: atom_id res chain seq x y z
N THR A 33 -26.09 -5.41 38.28
CA THR A 33 -25.90 -3.95 38.51
C THR A 33 -26.07 -3.13 37.24
N LEU A 34 -25.68 -3.67 36.09
CA LEU A 34 -25.82 -2.94 34.84
C LEU A 34 -27.14 -3.19 34.11
N LEU A 35 -27.82 -2.10 33.78
CA LEU A 35 -29.10 -2.13 33.08
C LEU A 35 -28.94 -2.64 31.65
N GLU A 36 -29.68 -3.69 31.31
CA GLU A 36 -29.60 -4.28 29.98
C GLU A 36 -30.99 -4.41 29.33
N LYS A 37 -31.26 -3.57 28.34
CA LYS A 37 -32.56 -3.65 27.67
C LYS A 37 -32.82 -5.07 27.19
N SER A 38 -34.08 -5.37 26.90
CA SER A 38 -34.43 -6.69 26.42
C SER A 38 -35.46 -6.57 25.30
N GLN A 39 -36.18 -5.45 25.29
CA GLN A 39 -37.20 -5.20 24.28
C GLN A 39 -36.64 -4.47 23.04
N PHE A 40 -37.40 -4.48 21.95
CA PHE A 40 -36.98 -3.81 20.72
C PHE A 40 -37.29 -2.32 20.80
N SER A 41 -36.73 -1.55 19.88
CA SER A 41 -36.98 -0.12 19.84
C SER A 41 -37.87 0.31 18.69
N ASP A 42 -38.34 1.56 18.76
CA ASP A 42 -39.21 2.14 17.74
C ASP A 42 -38.35 2.65 16.59
N LYS A 43 -37.14 3.09 16.92
CA LYS A 43 -36.21 3.61 15.93
C LYS A 43 -34.89 2.87 15.93
N PRO A 44 -34.20 2.86 14.78
CA PRO A 44 -32.90 2.17 14.72
C PRO A 44 -31.84 3.00 15.44
N VAL A 45 -30.68 2.40 15.71
CA VAL A 45 -29.62 3.11 16.43
C VAL A 45 -29.21 4.46 15.84
N GLN A 46 -29.11 4.53 14.51
CA GLN A 46 -28.71 5.77 13.83
C GLN A 46 -29.69 6.93 14.04
N ASP A 47 -30.80 6.66 14.70
CA ASP A 47 -31.78 7.69 14.98
C ASP A 47 -32.05 7.83 16.47
N ARG A 48 -31.16 7.23 17.26
CA ARG A 48 -31.26 7.29 18.72
C ARG A 48 -29.97 7.87 19.28
N GLY A 49 -29.18 8.46 18.39
CA GLY A 49 -27.91 9.06 18.79
C GLY A 49 -26.94 8.08 19.40
N LEU A 50 -27.07 6.80 19.04
CA LEU A 50 -26.20 5.76 19.58
C LEU A 50 -24.92 5.53 18.78
N VAL A 51 -24.88 6.04 17.55
CA VAL A 51 -23.69 5.89 16.71
C VAL A 51 -22.74 7.04 17.00
N VAL A 52 -22.03 6.93 18.13
CA VAL A 52 -21.11 7.96 18.59
C VAL A 52 -19.65 7.55 18.74
N THR A 53 -18.79 8.56 18.81
CA THR A 53 -17.35 8.36 18.93
C THR A 53 -16.93 8.37 20.40
N ASP A 54 -17.65 9.13 21.22
CA ASP A 54 -17.36 9.20 22.64
C ASP A 54 -18.30 8.19 23.33
N LEU A 55 -17.86 6.94 23.35
CA LEU A 55 -18.61 5.81 23.91
C LEU A 55 -18.40 5.53 25.38
N LYS A 56 -19.43 4.96 26.01
CA LYS A 56 -19.37 4.59 27.41
C LYS A 56 -19.82 3.13 27.50
N ALA A 57 -18.92 2.29 28.03
CA ALA A 57 -19.16 0.86 28.16
C ALA A 57 -20.59 0.48 28.52
N GLU A 58 -21.14 1.16 29.51
CA GLU A 58 -22.50 0.88 29.97
C GLU A 58 -23.58 1.14 28.93
N SER A 59 -23.33 2.09 28.01
CA SER A 59 -24.30 2.41 26.96
C SER A 59 -24.41 1.23 25.99
N VAL A 60 -23.29 0.57 25.74
CA VAL A 60 -23.26 -0.57 24.86
C VAL A 60 -23.99 -1.75 25.50
N VAL A 61 -23.71 -2.02 26.76
CA VAL A 61 -24.37 -3.13 27.43
C VAL A 61 -25.85 -2.86 27.60
N LEU A 62 -26.22 -1.59 27.58
CA LEU A 62 -27.64 -1.25 27.71
C LEU A 62 -28.42 -1.41 26.41
N GLU A 63 -27.79 -1.10 25.28
CA GLU A 63 -28.48 -1.13 24.00
C GLU A 63 -28.21 -2.26 23.01
N HIS A 64 -27.23 -3.11 23.26
CA HIS A 64 -26.92 -4.15 22.27
C HIS A 64 -28.05 -5.08 21.80
N ARG A 65 -28.93 -5.52 22.70
CA ARG A 65 -30.01 -6.42 22.29
C ARG A 65 -31.16 -5.67 21.60
N SER A 66 -31.32 -4.40 21.96
CA SER A 66 -32.41 -3.60 21.43
C SER A 66 -32.26 -3.08 20.01
N TYR A 67 -32.71 -3.87 19.04
CA TYR A 67 -32.65 -3.43 17.64
C TYR A 67 -34.05 -2.98 17.23
N CYS A 68 -34.15 -2.36 16.06
CA CYS A 68 -35.43 -1.90 15.59
C CYS A 68 -36.09 -3.08 14.86
N SER A 69 -36.98 -3.79 15.56
CA SER A 69 -37.70 -4.94 15.00
C SER A 69 -38.64 -4.45 13.92
N ALA A 70 -39.13 -3.23 14.09
CA ALA A 70 -40.06 -2.65 13.15
C ALA A 70 -39.41 -2.68 11.78
N LYS A 71 -38.33 -1.92 11.65
CA LYS A 71 -37.63 -1.82 10.38
C LYS A 71 -36.62 -2.92 10.07
N ALA A 72 -36.76 -4.06 10.73
CA ALA A 72 -35.84 -5.17 10.51
C ALA A 72 -35.77 -5.60 9.05
N ARG A 73 -36.72 -5.15 8.24
CA ARG A 73 -36.72 -5.52 6.83
C ARG A 73 -36.44 -4.33 5.92
N ASP A 74 -35.99 -3.24 6.53
CA ASP A 74 -35.66 -2.03 5.79
C ASP A 74 -34.15 -2.02 5.55
N ARG A 75 -33.75 -1.63 4.34
CA ARG A 75 -32.32 -1.59 4.01
C ARG A 75 -31.76 -0.17 4.11
N HIS A 76 -30.72 -0.02 4.91
CA HIS A 76 -30.11 1.28 5.10
C HIS A 76 -28.80 1.36 4.32
N PHE A 77 -28.43 0.28 3.66
CA PHE A 77 -27.25 0.25 2.83
C PHE A 77 -27.70 -0.24 1.49
N ALA A 78 -27.13 0.30 0.43
CA ALA A 78 -27.70 0.08 -0.87
C ALA A 78 -26.80 -0.73 -1.76
N GLY A 79 -25.59 -0.99 -1.31
CA GLY A 79 -24.76 -1.97 -1.98
C GLY A 79 -25.06 -3.36 -1.51
N ASP A 80 -24.54 -4.35 -2.18
CA ASP A 80 -24.75 -5.71 -1.77
C ASP A 80 -24.10 -5.96 -0.46
N VAL A 81 -24.82 -6.53 0.49
CA VAL A 81 -24.21 -7.18 1.64
C VAL A 81 -24.27 -8.70 1.73
N LEU A 82 -23.12 -9.33 1.96
CA LEU A 82 -22.99 -10.77 2.08
C LEU A 82 -22.74 -11.13 3.53
N GLY A 83 -23.51 -12.07 4.06
CA GLY A 83 -23.36 -12.50 5.43
C GLY A 83 -22.95 -13.97 5.53
N TYR A 84 -22.00 -14.25 6.43
CA TYR A 84 -21.55 -15.62 6.62
C TYR A 84 -22.21 -16.17 7.89
N VAL A 85 -22.50 -17.46 7.88
CA VAL A 85 -23.12 -18.14 9.01
C VAL A 85 -22.34 -19.44 9.21
N THR A 86 -21.90 -19.69 10.44
CA THR A 86 -21.15 -20.91 10.76
C THR A 86 -21.93 -21.77 11.74
N PRO A 87 -21.75 -23.10 11.68
CA PRO A 87 -22.45 -24.00 12.59
C PRO A 87 -22.01 -23.90 14.05
N TRP A 88 -20.80 -23.40 14.29
CA TRP A 88 -20.29 -23.27 15.65
C TRP A 88 -20.77 -22.01 16.39
N ASN A 89 -21.36 -21.08 15.65
CA ASN A 89 -21.90 -19.85 16.22
C ASN A 89 -23.29 -19.90 15.59
N SER A 90 -24.13 -20.76 16.14
CA SER A 90 -25.49 -20.99 15.67
C SER A 90 -26.39 -19.76 15.81
N HIS A 91 -25.94 -18.74 16.53
CA HIS A 91 -26.74 -17.54 16.69
C HIS A 91 -26.94 -16.89 15.31
N GLY A 92 -26.03 -17.17 14.40
CA GLY A 92 -26.11 -16.61 13.07
C GLY A 92 -27.30 -17.12 12.28
N TYR A 93 -27.74 -18.33 12.61
CA TYR A 93 -28.88 -18.93 11.94
C TYR A 93 -30.13 -18.11 12.24
N ASP A 94 -30.26 -17.68 13.50
CA ASP A 94 -31.40 -16.87 13.90
C ASP A 94 -31.25 -15.43 13.43
N VAL A 95 -30.02 -14.95 13.41
CA VAL A 95 -29.77 -13.60 12.96
C VAL A 95 -30.23 -13.52 11.52
N THR A 96 -29.91 -14.54 10.72
CA THR A 96 -30.27 -14.56 9.30
C THR A 96 -31.78 -14.58 9.13
N LYS A 97 -32.48 -15.25 10.04
CA LYS A 97 -33.92 -15.32 9.95
C LYS A 97 -34.59 -13.96 10.19
N VAL A 98 -34.16 -13.27 11.24
CA VAL A 98 -34.70 -11.97 11.59
C VAL A 98 -34.30 -10.84 10.63
N PHE A 99 -33.03 -10.78 10.25
CA PHE A 99 -32.54 -9.71 9.37
C PHE A 99 -32.19 -10.12 7.95
N GLY A 100 -32.68 -11.27 7.50
CA GLY A 100 -32.39 -11.73 6.16
C GLY A 100 -32.65 -10.71 5.05
N SER A 101 -33.57 -9.80 5.28
CA SER A 101 -33.89 -8.80 4.28
C SER A 101 -32.78 -7.78 4.03
N LYS A 102 -31.94 -7.56 5.04
CA LYS A 102 -30.84 -6.60 4.91
C LYS A 102 -29.65 -7.22 4.18
N PHE A 103 -29.85 -8.44 3.67
CA PHE A 103 -28.79 -9.15 2.97
C PHE A 103 -29.14 -9.49 1.53
N THR A 104 -28.10 -9.55 0.70
CA THR A 104 -28.23 -9.86 -0.69
C THR A 104 -27.79 -11.31 -0.90
N GLN A 105 -26.83 -11.75 -0.08
CA GLN A 105 -26.34 -13.11 -0.12
C GLN A 105 -26.04 -13.58 1.30
N ILE A 106 -26.23 -14.87 1.55
CA ILE A 106 -25.93 -15.47 2.84
C ILE A 106 -25.06 -16.64 2.47
N SER A 107 -23.91 -16.76 3.10
CA SER A 107 -23.02 -17.86 2.77
C SER A 107 -22.82 -18.78 3.95
N PRO A 108 -23.57 -19.89 3.99
CA PRO A 108 -23.42 -20.83 5.11
C PRO A 108 -22.08 -21.53 4.97
N VAL A 109 -21.30 -21.54 6.05
CA VAL A 109 -20.00 -22.19 6.01
C VAL A 109 -20.18 -23.68 6.32
N TRP A 110 -20.57 -24.45 5.31
CA TRP A 110 -20.79 -25.89 5.50
C TRP A 110 -19.97 -26.82 4.62
N LEU A 111 -19.64 -26.37 3.41
CA LEU A 111 -18.97 -27.23 2.45
C LEU A 111 -17.48 -27.13 2.12
N GLN A 112 -16.91 -28.28 1.81
CA GLN A 112 -15.51 -28.38 1.39
C GLN A 112 -15.52 -29.18 0.09
N LEU A 113 -14.56 -28.89 -0.78
CA LEU A 113 -14.43 -29.61 -2.05
C LEU A 113 -13.14 -30.43 -1.99
N LYS A 114 -13.25 -31.73 -2.18
CA LYS A 114 -12.08 -32.59 -2.12
C LYS A 114 -11.81 -33.40 -3.37
N ARG A 115 -10.53 -33.64 -3.64
CA ARG A 115 -10.07 -34.46 -4.75
C ARG A 115 -9.86 -35.83 -4.14
N ARG A 116 -10.69 -36.80 -4.50
CA ARG A 116 -10.53 -38.14 -3.96
C ARG A 116 -9.61 -38.95 -4.85
N GLY A 117 -9.49 -38.54 -6.11
CA GLY A 117 -8.62 -39.22 -7.06
C GLY A 117 -8.73 -38.61 -8.44
N ARG A 118 -8.04 -39.19 -9.43
CA ARG A 118 -8.08 -38.66 -10.77
C ARG A 118 -9.52 -38.49 -11.28
N GLU A 119 -9.88 -37.24 -11.57
CA GLU A 119 -11.21 -36.91 -12.08
C GLU A 119 -12.34 -37.35 -11.15
N MET A 120 -12.01 -37.46 -9.87
CA MET A 120 -12.98 -37.87 -8.84
C MET A 120 -13.01 -36.79 -7.77
N PHE A 121 -14.07 -35.99 -7.77
CA PHE A 121 -14.19 -34.93 -6.79
C PHE A 121 -15.38 -35.19 -5.89
N GLU A 122 -15.42 -34.55 -4.74
CA GLU A 122 -16.52 -34.73 -3.81
C GLU A 122 -16.72 -33.50 -2.93
N VAL A 123 -17.98 -33.24 -2.61
CA VAL A 123 -18.35 -32.11 -1.77
C VAL A 123 -18.68 -32.69 -0.40
N THR A 124 -17.89 -32.35 0.61
CA THR A 124 -18.14 -32.86 1.96
C THR A 124 -18.84 -31.81 2.83
N GLY A 125 -19.38 -32.24 3.96
CA GLY A 125 -20.05 -31.32 4.84
C GLY A 125 -21.54 -31.21 4.59
N LEU A 126 -22.03 -31.91 3.57
CA LEU A 126 -23.45 -31.84 3.22
C LEU A 126 -24.40 -32.18 4.37
N HIS A 127 -23.88 -32.84 5.40
CA HIS A 127 -24.70 -33.22 6.53
C HIS A 127 -25.07 -31.98 7.36
N ASP A 128 -24.38 -30.86 7.12
CA ASP A 128 -24.67 -29.63 7.85
C ASP A 128 -25.68 -28.75 7.15
N VAL A 129 -25.99 -29.01 5.88
CA VAL A 129 -26.93 -28.14 5.19
C VAL A 129 -28.35 -28.36 5.72
N ASP A 130 -28.88 -27.30 6.33
CA ASP A 130 -30.20 -27.29 6.92
C ASP A 130 -31.21 -26.76 5.90
N GLN A 131 -32.00 -27.66 5.31
CA GLN A 131 -32.99 -27.26 4.32
C GLN A 131 -34.15 -26.46 4.91
N GLY A 132 -34.56 -26.78 6.13
CA GLY A 132 -35.64 -26.06 6.76
C GLY A 132 -35.25 -24.62 7.05
N TRP A 133 -34.00 -24.46 7.48
CA TRP A 133 -33.47 -23.14 7.77
C TRP A 133 -33.43 -22.31 6.49
N MET A 134 -32.97 -22.93 5.41
CA MET A 134 -32.92 -22.20 4.14
C MET A 134 -34.35 -21.79 3.76
N ARG A 135 -35.29 -22.73 3.85
CA ARG A 135 -36.67 -22.41 3.49
C ARG A 135 -37.21 -21.26 4.33
N ALA A 136 -36.82 -21.22 5.61
CA ALA A 136 -37.28 -20.19 6.52
C ALA A 136 -36.74 -18.81 6.20
N VAL A 137 -35.44 -18.71 5.94
CA VAL A 137 -34.84 -17.42 5.62
C VAL A 137 -35.31 -16.89 4.27
N ARG A 138 -35.58 -17.79 3.33
CA ARG A 138 -36.04 -17.39 2.01
C ARG A 138 -37.50 -16.98 2.01
N LYS A 139 -38.21 -17.31 3.09
CA LYS A 139 -39.63 -16.98 3.20
C LYS A 139 -39.77 -15.50 3.51
N HIS A 140 -39.07 -15.06 4.56
CA HIS A 140 -39.07 -13.68 4.98
C HIS A 140 -38.13 -12.74 4.21
N ALA A 141 -37.18 -13.32 3.48
CA ALA A 141 -36.20 -12.56 2.69
C ALA A 141 -36.04 -12.85 1.22
N LYS A 142 -37.15 -13.09 0.53
CA LYS A 142 -37.13 -13.38 -0.91
C LYS A 142 -36.18 -12.52 -1.75
N GLY A 143 -35.53 -13.16 -2.70
CA GLY A 143 -34.57 -12.47 -3.54
C GLY A 143 -33.22 -12.46 -2.84
N LEU A 144 -33.11 -13.32 -1.82
CA LEU A 144 -31.91 -13.46 -1.03
C LEU A 144 -31.26 -14.72 -1.62
N HIS A 145 -29.98 -14.61 -1.98
CA HIS A 145 -29.28 -15.74 -2.56
C HIS A 145 -28.40 -16.48 -1.54
N ILE A 146 -28.65 -17.78 -1.40
CA ILE A 146 -27.85 -18.58 -0.48
C ILE A 146 -26.71 -19.14 -1.31
N VAL A 147 -25.51 -18.70 -1.00
CA VAL A 147 -24.33 -19.15 -1.70
C VAL A 147 -23.37 -19.71 -0.67
N PRO A 148 -23.46 -21.02 -0.40
CA PRO A 148 -22.61 -21.71 0.58
C PRO A 148 -21.14 -21.56 0.24
N ARG A 149 -20.30 -21.51 1.27
CA ARG A 149 -18.88 -21.40 1.01
C ARG A 149 -18.38 -22.79 0.67
N LEU A 150 -17.53 -22.87 -0.35
CA LEU A 150 -16.96 -24.14 -0.80
C LEU A 150 -15.45 -23.99 -0.65
N LEU A 151 -14.94 -24.54 0.45
CA LEU A 151 -13.52 -24.47 0.80
C LEU A 151 -12.73 -25.65 0.25
N PHE A 152 -11.69 -25.38 -0.54
CA PHE A 152 -10.88 -26.50 -1.05
C PHE A 152 -10.13 -27.02 0.17
N GLU A 153 -10.35 -28.28 0.51
CA GLU A 153 -9.70 -28.84 1.68
C GLU A 153 -8.94 -30.11 1.38
N ASP A 154 -7.74 -30.20 1.97
CA ASP A 154 -6.86 -31.35 1.82
C ASP A 154 -6.24 -31.53 0.45
N TRP A 155 -6.20 -30.45 -0.33
CA TRP A 155 -5.60 -30.55 -1.64
C TRP A 155 -4.09 -30.54 -1.51
N THR A 156 -3.45 -31.39 -2.29
CA THR A 156 -2.00 -31.52 -2.31
C THR A 156 -1.46 -30.67 -3.43
N TYR A 157 -0.16 -30.46 -3.44
CA TYR A 157 0.47 -29.70 -4.51
C TYR A 157 0.16 -30.49 -5.77
N ASP A 158 0.29 -31.81 -5.67
CA ASP A 158 0.05 -32.66 -6.83
C ASP A 158 -1.41 -32.65 -7.25
N ASP A 159 -2.33 -32.48 -6.30
CA ASP A 159 -3.75 -32.41 -6.67
C ASP A 159 -3.86 -31.22 -7.60
N PHE A 160 -3.39 -30.07 -7.11
CA PHE A 160 -3.41 -28.81 -7.87
C PHE A 160 -2.70 -28.92 -9.20
N ARG A 161 -1.54 -29.56 -9.21
CA ARG A 161 -0.77 -29.73 -10.43
C ARG A 161 -1.56 -30.57 -11.43
N ASN A 162 -2.22 -31.62 -10.95
CA ASN A 162 -3.00 -32.51 -11.81
C ASN A 162 -4.30 -31.90 -12.33
N VAL A 163 -4.94 -31.07 -11.51
CA VAL A 163 -6.20 -30.46 -11.92
C VAL A 163 -6.04 -29.21 -12.79
N LEU A 164 -5.17 -28.29 -12.39
CA LEU A 164 -4.98 -27.06 -13.17
C LEU A 164 -4.39 -27.34 -14.54
N ASP A 165 -3.82 -28.53 -14.70
CA ASP A 165 -3.20 -28.91 -15.96
C ASP A 165 -4.14 -29.72 -16.87
N SER A 166 -5.22 -30.26 -16.30
CA SER A 166 -6.17 -31.07 -17.05
C SER A 166 -7.52 -30.42 -17.31
N GLU A 167 -7.86 -30.26 -18.58
CA GLU A 167 -9.15 -29.66 -18.93
C GLU A 167 -10.26 -30.63 -18.51
N ASP A 168 -9.98 -31.93 -18.58
CA ASP A 168 -10.96 -32.93 -18.20
C ASP A 168 -11.22 -32.88 -16.70
N GLU A 169 -10.15 -32.84 -15.91
CA GLU A 169 -10.28 -32.78 -14.45
C GLU A 169 -11.19 -31.62 -14.08
N ILE A 170 -10.94 -30.46 -14.67
CA ILE A 170 -11.72 -29.27 -14.40
C ILE A 170 -13.18 -29.45 -14.75
N GLU A 171 -13.46 -30.17 -15.83
CA GLU A 171 -14.82 -30.43 -16.25
C GLU A 171 -15.53 -31.28 -15.24
N GLU A 172 -14.82 -32.25 -14.67
CA GLU A 172 -15.39 -33.13 -13.67
C GLU A 172 -15.69 -32.35 -12.37
N LEU A 173 -14.69 -31.62 -11.90
CA LEU A 173 -14.84 -30.82 -10.68
C LEU A 173 -16.05 -29.94 -10.85
N SER A 174 -16.16 -29.30 -12.01
CA SER A 174 -17.28 -28.42 -12.31
C SER A 174 -18.63 -29.12 -12.23
N LYS A 175 -18.74 -30.29 -12.85
CA LYS A 175 -19.98 -31.06 -12.84
C LYS A 175 -20.36 -31.50 -11.44
N THR A 176 -19.34 -31.86 -10.65
CA THR A 176 -19.53 -32.31 -9.28
C THR A 176 -20.13 -31.19 -8.45
N VAL A 177 -19.57 -30.01 -8.63
CA VAL A 177 -20.00 -28.82 -7.90
C VAL A 177 -21.40 -28.37 -8.31
N VAL A 178 -21.65 -28.29 -9.62
CA VAL A 178 -22.96 -27.85 -10.11
C VAL A 178 -24.06 -28.82 -9.70
N GLN A 179 -23.76 -30.10 -9.69
CA GLN A 179 -24.77 -31.07 -9.31
C GLN A 179 -25.29 -30.86 -7.89
N VAL A 180 -24.41 -30.63 -6.91
CA VAL A 180 -24.94 -30.47 -5.54
C VAL A 180 -25.71 -29.17 -5.41
N ALA A 181 -25.23 -28.09 -6.04
CA ALA A 181 -25.94 -26.82 -5.98
C ALA A 181 -27.37 -27.03 -6.45
N LYS A 182 -27.51 -27.78 -7.55
CA LYS A 182 -28.82 -28.07 -8.09
C LYS A 182 -29.62 -28.95 -7.13
N ASN A 183 -29.04 -30.08 -6.72
CA ASN A 183 -29.72 -31.00 -5.82
C ASN A 183 -30.08 -30.44 -4.45
N GLN A 184 -29.34 -29.44 -3.98
CA GLN A 184 -29.59 -28.87 -2.66
C GLN A 184 -30.23 -27.50 -2.69
N HIS A 185 -30.54 -27.01 -3.89
CA HIS A 185 -31.14 -25.68 -4.04
C HIS A 185 -30.24 -24.54 -3.60
N PHE A 186 -29.00 -24.55 -4.08
CA PHE A 186 -28.06 -23.48 -3.76
C PHE A 186 -28.09 -22.53 -4.94
N ASP A 187 -27.86 -21.26 -4.68
CA ASP A 187 -27.84 -20.26 -5.74
C ASP A 187 -26.45 -20.12 -6.30
N GLY A 188 -25.52 -20.88 -5.74
CA GLY A 188 -24.14 -20.83 -6.17
C GLY A 188 -23.20 -21.01 -4.99
N PHE A 189 -21.93 -20.65 -5.17
CA PHE A 189 -20.97 -20.81 -4.09
C PHE A 189 -20.03 -19.65 -3.94
N VAL A 190 -19.40 -19.59 -2.76
CA VAL A 190 -18.39 -18.59 -2.48
C VAL A 190 -17.19 -19.48 -2.32
N VAL A 191 -16.35 -19.58 -3.34
CA VAL A 191 -15.20 -20.47 -3.25
C VAL A 191 -13.96 -19.86 -2.62
N GLU A 192 -13.30 -20.66 -1.79
CA GLU A 192 -12.06 -20.27 -1.10
C GLU A 192 -10.75 -21.05 -1.18
N VAL A 193 -10.02 -20.87 -2.27
CA VAL A 193 -8.77 -21.59 -2.45
C VAL A 193 -7.50 -20.78 -2.75
N TRP A 194 -7.67 -19.50 -3.06
CA TRP A 194 -6.55 -18.62 -3.42
C TRP A 194 -5.28 -18.66 -2.56
N ASN A 195 -5.37 -18.43 -1.25
CA ASN A 195 -4.17 -18.43 -0.42
C ASN A 195 -3.42 -19.78 -0.35
N GLN A 196 -4.07 -20.85 -0.83
CA GLN A 196 -3.50 -22.20 -0.78
C GLN A 196 -2.35 -22.52 -1.74
N LEU A 197 -2.13 -21.66 -2.73
CA LEU A 197 -1.07 -21.87 -3.70
C LEU A 197 -0.04 -20.83 -4.05
N LEU A 198 -0.48 -19.98 -4.95
CA LEU A 198 0.26 -18.86 -5.52
C LEU A 198 1.69 -18.63 -5.98
N SER A 199 2.19 -19.71 -6.55
CA SER A 199 3.52 -19.84 -7.09
C SER A 199 3.44 -19.98 -8.61
N LYS A 201 0.37 -23.32 -11.81
CA LYS A 201 0.70 -21.92 -12.02
C LYS A 201 -0.42 -21.00 -11.53
N ARG A 202 -0.06 -19.84 -11.00
CA ARG A 202 -1.07 -18.88 -10.51
C ARG A 202 -2.05 -18.58 -11.64
N VAL A 203 -1.56 -18.68 -12.88
CA VAL A 203 -2.35 -18.42 -14.07
C VAL A 203 -3.28 -19.57 -14.40
N GLY A 204 -2.92 -20.77 -13.94
CA GLY A 204 -3.73 -21.96 -14.18
C GLY A 204 -4.85 -22.03 -13.18
N LEU A 205 -4.64 -21.37 -12.04
CA LEU A 205 -5.64 -21.31 -10.98
C LEU A 205 -6.73 -20.41 -11.54
N ILE A 206 -6.32 -19.37 -12.26
CA ILE A 206 -7.27 -18.44 -12.86
C ILE A 206 -8.09 -19.08 -13.98
N HIS A 207 -7.46 -19.95 -14.77
CA HIS A 207 -8.17 -20.60 -15.84
C HIS A 207 -9.24 -21.51 -15.23
N MET A 208 -8.89 -22.24 -14.18
CA MET A 208 -9.83 -23.17 -13.53
C MET A 208 -11.00 -22.46 -12.84
N LEU A 209 -10.77 -21.28 -12.27
CA LEU A 209 -11.86 -20.55 -11.62
C LEU A 209 -12.78 -20.00 -12.69
N THR A 210 -12.20 -19.64 -13.83
CA THR A 210 -12.97 -19.10 -14.94
C THR A 210 -13.80 -20.20 -15.61
N HIS A 211 -13.26 -21.41 -15.65
CA HIS A 211 -13.98 -22.52 -16.26
C HIS A 211 -15.12 -22.92 -15.33
N LEU A 212 -14.86 -22.90 -14.03
CA LEU A 212 -15.85 -23.24 -13.01
C LEU A 212 -16.97 -22.20 -13.05
N ALA A 213 -16.56 -20.93 -13.06
CA ALA A 213 -17.51 -19.82 -13.09
C ALA A 213 -18.41 -19.91 -14.32
N GLU A 214 -17.82 -20.29 -15.45
CA GLU A 214 -18.54 -20.43 -16.71
C GLU A 214 -19.58 -21.56 -16.62
N ALA A 215 -19.17 -22.68 -16.03
CA ALA A 215 -20.05 -23.83 -15.84
C ALA A 215 -21.18 -23.51 -14.88
N LEU A 216 -20.86 -22.76 -13.82
CA LEU A 216 -21.88 -22.38 -12.85
C LEU A 216 -22.92 -21.47 -13.48
N HIS A 217 -22.48 -20.60 -14.39
CA HIS A 217 -23.39 -19.68 -15.06
C HIS A 217 -24.28 -20.40 -16.06
N GLN A 218 -23.73 -21.42 -16.72
CA GLN A 218 -24.51 -22.20 -17.67
C GLN A 218 -25.68 -22.82 -16.92
N ALA A 219 -25.51 -23.00 -15.60
CA ALA A 219 -26.55 -23.58 -14.76
C ALA A 219 -27.28 -22.53 -13.95
N ARG A 220 -27.10 -21.27 -14.29
CA ARG A 220 -27.74 -20.17 -13.57
C ARG A 220 -27.28 -20.01 -12.13
N LEU A 221 -26.05 -20.40 -11.82
CA LEU A 221 -25.59 -20.26 -10.45
C LEU A 221 -24.57 -19.13 -10.31
N LEU A 222 -24.42 -18.64 -9.08
CA LEU A 222 -23.49 -17.55 -8.79
C LEU A 222 -22.12 -18.09 -8.41
N ALA A 223 -21.09 -17.30 -8.72
CA ALA A 223 -19.71 -17.68 -8.44
C ALA A 223 -18.96 -16.56 -7.77
N LEU A 224 -18.69 -16.70 -6.47
CA LEU A 224 -17.95 -15.69 -5.74
C LEU A 224 -16.61 -16.25 -5.28
N LEU A 225 -15.62 -15.38 -5.16
CA LEU A 225 -14.28 -15.78 -4.73
C LEU A 225 -13.80 -15.01 -3.49
N VAL A 226 -13.22 -15.74 -2.55
CA VAL A 226 -12.67 -15.11 -1.36
C VAL A 226 -11.27 -14.66 -1.77
N ILE A 227 -10.88 -13.44 -1.41
CA ILE A 227 -9.56 -12.92 -1.77
C ILE A 227 -8.88 -12.15 -0.64
N PRO A 228 -7.55 -12.25 -0.56
CA PRO A 228 -6.79 -11.56 0.48
C PRO A 228 -6.70 -10.07 0.17
N PRO A 229 -6.33 -9.24 1.17
CA PRO A 229 -6.22 -7.80 0.90
C PRO A 229 -5.06 -7.50 -0.05
N ALA A 230 -5.22 -6.47 -0.87
CA ALA A 230 -4.18 -6.10 -1.84
C ALA A 230 -2.88 -5.72 -1.15
N ILE A 231 -2.97 -4.99 -0.05
CA ILE A 231 -1.80 -4.58 0.70
C ILE A 231 -1.73 -5.44 1.96
N THR A 232 -0.67 -6.24 2.07
CA THR A 232 -0.50 -7.11 3.22
C THR A 232 -0.13 -6.34 4.47
N PRO A 233 -0.90 -6.54 5.54
CA PRO A 233 -0.68 -5.90 6.84
C PRO A 233 0.77 -5.90 7.30
N GLY A 234 1.23 -4.73 7.75
CA GLY A 234 2.58 -4.54 8.27
C GLY A 234 3.69 -4.89 7.30
N THR A 235 3.40 -4.73 6.02
CA THR A 235 4.37 -5.06 5.01
C THR A 235 4.66 -3.93 4.03
N ASP A 236 3.72 -3.01 3.87
CA ASP A 236 3.87 -1.88 2.95
C ASP A 236 4.07 -2.29 1.50
N GLN A 237 3.68 -3.52 1.16
CA GLN A 237 3.84 -3.99 -0.20
C GLN A 237 2.59 -4.78 -0.64
N LEU A 238 2.46 -5.06 -1.94
CA LEU A 238 1.28 -5.78 -2.41
C LEU A 238 1.32 -7.27 -2.14
N GLY A 239 0.13 -7.84 -1.97
CA GLY A 239 0.01 -9.26 -1.71
C GLY A 239 -0.18 -10.08 -2.97
N MET A 240 -0.63 -11.30 -2.79
CA MET A 240 -0.83 -12.25 -3.88
C MET A 240 -2.06 -12.06 -4.80
N PHE A 241 -3.02 -11.23 -4.38
CA PHE A 241 -4.17 -10.97 -5.24
C PHE A 241 -4.29 -9.47 -5.45
N THR A 242 -3.86 -9.02 -6.63
CA THR A 242 -3.89 -7.60 -6.96
C THR A 242 -4.82 -7.26 -8.11
N HIS A 243 -4.66 -6.06 -8.65
CA HIS A 243 -5.52 -5.63 -9.75
C HIS A 243 -5.21 -6.45 -11.01
N LYS A 244 -4.03 -7.07 -11.06
CA LYS A 244 -3.68 -7.88 -12.22
C LYS A 244 -4.57 -9.12 -12.25
N GLU A 245 -4.94 -9.62 -11.07
CA GLU A 245 -5.79 -10.79 -11.00
C GLU A 245 -7.26 -10.36 -11.10
N PHE A 246 -7.56 -9.21 -10.49
CA PHE A 246 -8.91 -8.68 -10.50
C PHE A 246 -9.36 -8.37 -11.92
N GLU A 247 -8.44 -7.86 -12.74
CA GLU A 247 -8.75 -7.54 -14.13
C GLU A 247 -9.27 -8.75 -14.89
N GLN A 248 -8.69 -9.91 -14.62
CA GLN A 248 -9.06 -11.13 -15.31
C GLN A 248 -10.26 -11.89 -14.77
N LEU A 249 -10.50 -11.76 -13.46
CA LEU A 249 -11.60 -12.47 -12.84
C LEU A 249 -12.87 -11.65 -12.66
N ALA A 250 -12.71 -10.34 -12.50
CA ALA A 250 -13.86 -9.48 -12.31
C ALA A 250 -14.93 -9.65 -13.39
N PRO A 251 -14.53 -9.82 -14.65
CA PRO A 251 -15.52 -9.99 -15.73
C PRO A 251 -16.35 -11.27 -15.64
N VAL A 252 -15.70 -12.37 -15.25
CA VAL A 252 -16.35 -13.69 -15.17
C VAL A 252 -16.92 -14.10 -13.79
N LEU A 253 -16.53 -13.44 -12.72
CA LEU A 253 -17.01 -13.78 -11.38
C LEU A 253 -18.09 -12.80 -10.94
N ASP A 254 -19.02 -13.27 -10.12
CA ASP A 254 -20.12 -12.44 -9.64
C ASP A 254 -19.82 -11.63 -8.39
N GLY A 255 -18.79 -12.03 -7.64
CA GLY A 255 -18.46 -11.31 -6.44
C GLY A 255 -17.11 -11.68 -5.86
N PHE A 256 -16.60 -10.80 -5.01
CA PHE A 256 -15.31 -11.00 -4.35
C PHE A 256 -15.45 -10.69 -2.88
N SER A 257 -15.30 -11.69 -2.03
CA SER A 257 -15.37 -11.49 -0.59
C SER A 257 -13.97 -11.05 -0.18
N LEU A 258 -13.79 -9.75 0.02
CA LEU A 258 -12.51 -9.15 0.36
C LEU A 258 -12.21 -9.22 1.85
N MET A 259 -11.16 -9.94 2.22
CA MET A 259 -10.80 -10.08 3.64
C MET A 259 -10.05 -8.88 4.21
N THR A 260 -10.73 -7.74 4.24
CA THR A 260 -10.16 -6.52 4.77
C THR A 260 -10.33 -6.40 6.29
N TYR A 261 -9.92 -7.45 6.99
CA TYR A 261 -9.97 -7.45 8.45
C TYR A 261 -8.82 -8.31 8.96
N ASP A 262 -8.67 -8.43 10.28
CA ASP A 262 -7.58 -9.17 10.89
C ASP A 262 -6.20 -8.60 10.50
N TYR A 263 -6.07 -7.29 10.68
CA TYR A 263 -4.88 -6.53 10.36
C TYR A 263 -3.75 -6.75 11.34
N SER A 264 -4.07 -6.76 12.63
CA SER A 264 -3.05 -6.95 13.68
C SER A 264 -2.78 -8.42 14.01
N THR A 265 -1.72 -8.65 14.77
CA THR A 265 -1.32 -10.00 15.18
C THR A 265 -1.08 -10.02 16.69
N ALA A 266 -1.04 -11.22 17.28
CA ALA A 266 -0.83 -11.39 18.71
C ALA A 266 0.47 -10.77 19.27
N HIS A 267 1.48 -10.64 18.42
CA HIS A 267 2.76 -10.06 18.83
C HIS A 267 2.70 -8.55 18.70
N GLN A 268 1.76 -8.08 17.90
CA GLN A 268 1.56 -6.65 17.69
C GLN A 268 0.08 -6.29 17.81
N PRO A 269 -0.46 -6.30 19.04
CA PRO A 269 -1.86 -5.94 19.24
C PRO A 269 -2.20 -4.60 18.60
N GLY A 270 -3.41 -4.50 18.07
CA GLY A 270 -3.85 -3.28 17.42
C GLY A 270 -5.20 -3.49 16.75
N PRO A 271 -5.68 -2.49 15.99
CA PRO A 271 -6.96 -2.56 15.29
C PRO A 271 -7.17 -3.72 14.32
N ASN A 272 -8.43 -4.08 14.12
CA ASN A 272 -8.81 -5.16 13.23
C ASN A 272 -8.52 -4.68 11.82
N ALA A 273 -9.21 -3.64 11.38
CA ALA A 273 -9.00 -3.11 10.04
C ALA A 273 -8.97 -1.59 9.95
N PRO A 274 -7.77 -0.99 10.08
CA PRO A 274 -7.67 0.47 10.00
C PRO A 274 -8.39 0.98 8.77
N LEU A 275 -9.25 1.97 8.96
CA LEU A 275 -10.03 2.56 7.88
C LEU A 275 -9.26 2.81 6.59
N SER A 276 -8.16 3.55 6.65
CA SER A 276 -7.39 3.85 5.44
C SER A 276 -6.75 2.63 4.79
N TRP A 277 -6.47 1.60 5.58
CA TRP A 277 -5.90 0.40 5.00
C TRP A 277 -7.02 -0.27 4.20
N VAL A 278 -8.25 -0.19 4.72
CA VAL A 278 -9.39 -0.78 4.06
C VAL A 278 -9.64 -0.03 2.75
N ARG A 279 -9.57 1.29 2.81
CA ARG A 279 -9.79 2.08 1.60
C ARG A 279 -8.71 1.79 0.58
N ALA A 280 -7.46 1.77 1.02
CA ALA A 280 -6.35 1.53 0.10
C ALA A 280 -6.45 0.17 -0.60
N CYS A 281 -6.89 -0.86 0.13
CA CYS A 281 -7.01 -2.19 -0.45
C CYS A 281 -8.02 -2.22 -1.59
N VAL A 282 -9.05 -1.39 -1.50
CA VAL A 282 -10.08 -1.32 -2.53
C VAL A 282 -9.60 -0.49 -3.71
N GLN A 283 -9.00 0.66 -3.43
CA GLN A 283 -8.49 1.55 -4.48
C GLN A 283 -7.38 0.90 -5.29
N VAL A 284 -6.46 0.24 -4.61
CA VAL A 284 -5.36 -0.43 -5.29
C VAL A 284 -5.84 -1.64 -6.09
N LEU A 285 -6.93 -2.26 -5.65
CA LEU A 285 -7.46 -3.42 -6.32
C LEU A 285 -8.23 -3.05 -7.60
N ASP A 286 -9.06 -2.01 -7.50
CA ASP A 286 -9.85 -1.57 -8.65
C ASP A 286 -9.66 -0.08 -8.89
N PRO A 287 -8.42 0.33 -9.22
CA PRO A 287 -8.03 1.72 -9.48
C PRO A 287 -8.94 2.54 -10.39
N LYS A 288 -9.18 2.05 -11.60
CA LYS A 288 -10.01 2.74 -12.58
C LYS A 288 -11.52 2.59 -12.29
N SER A 289 -11.88 1.83 -11.26
CA SER A 289 -13.28 1.62 -10.86
C SER A 289 -14.20 0.91 -11.86
N LYS A 290 -13.73 -0.13 -12.52
CA LYS A 290 -14.56 -0.87 -13.47
C LYS A 290 -15.60 -1.77 -12.76
N TRP A 291 -15.23 -2.43 -11.66
CA TRP A 291 -16.17 -3.33 -10.98
C TRP A 291 -16.39 -3.18 -9.47
N ARG A 292 -16.42 -1.95 -8.97
CA ARG A 292 -16.62 -1.76 -7.54
C ARG A 292 -17.80 -2.55 -6.97
N SER A 293 -18.91 -2.54 -7.69
CA SER A 293 -20.13 -3.23 -7.27
C SER A 293 -19.89 -4.72 -6.98
N LYS A 294 -18.90 -5.31 -7.62
CA LYS A 294 -18.60 -6.72 -7.40
C LYS A 294 -17.67 -6.96 -6.21
N ILE A 295 -17.15 -5.88 -5.63
CA ILE A 295 -16.26 -6.02 -4.48
C ILE A 295 -17.05 -6.04 -3.21
N LEU A 296 -16.90 -7.08 -2.41
CA LEU A 296 -17.61 -7.18 -1.14
C LEU A 296 -16.66 -6.86 0.02
N LEU A 297 -16.53 -5.57 0.33
CA LEU A 297 -15.66 -5.11 1.40
C LEU A 297 -15.93 -5.87 2.69
N GLY A 298 -14.91 -6.57 3.20
CA GLY A 298 -15.06 -7.34 4.41
C GLY A 298 -15.06 -6.57 5.71
N LEU A 299 -15.98 -6.94 6.60
CA LEU A 299 -16.13 -6.33 7.93
C LEU A 299 -16.12 -7.47 8.93
N ASN A 300 -15.46 -7.27 10.06
CA ASN A 300 -15.39 -8.28 11.10
C ASN A 300 -16.47 -7.98 12.15
N PHE A 301 -17.16 -9.00 12.62
CA PHE A 301 -18.18 -8.80 13.64
C PHE A 301 -17.70 -9.38 14.95
N TYR A 302 -16.50 -9.95 14.90
CA TYR A 302 -15.87 -10.52 16.07
C TYR A 302 -14.79 -9.52 16.43
N GLY A 303 -14.19 -9.68 17.59
CA GLY A 303 -13.13 -8.78 18.00
C GLY A 303 -11.95 -9.59 18.49
N MET A 304 -10.86 -8.92 18.84
CA MET A 304 -9.71 -9.63 19.35
C MET A 304 -9.35 -9.08 20.75
N ASP A 305 -9.05 -10.00 21.68
CA ASP A 305 -8.67 -9.66 23.04
C ASP A 305 -7.18 -9.99 23.19
N TYR A 306 -6.37 -8.97 23.43
CA TYR A 306 -4.92 -9.12 23.55
C TYR A 306 -4.30 -9.12 24.94
N ALA A 307 -3.34 -10.01 25.13
CA ALA A 307 -2.60 -10.12 26.38
C ALA A 307 -1.27 -9.37 26.17
N THR A 308 -1.30 -8.07 26.44
CA THR A 308 -0.16 -7.17 26.27
C THR A 308 1.22 -7.78 26.49
N SER A 309 1.38 -8.59 27.53
CA SER A 309 2.67 -9.18 27.83
C SER A 309 2.88 -10.63 27.35
N LYS A 310 1.86 -11.47 27.48
CA LYS A 310 1.98 -12.87 27.07
C LYS A 310 1.99 -13.14 25.55
N ASP A 311 2.05 -12.08 24.74
CA ASP A 311 2.05 -12.23 23.29
C ASP A 311 0.97 -13.19 22.80
N ALA A 312 -0.22 -13.07 23.39
CA ALA A 312 -1.33 -13.93 23.02
C ALA A 312 -2.59 -13.14 22.76
N ARG A 313 -3.62 -13.83 22.32
CA ARG A 313 -4.90 -13.20 22.04
C ARG A 313 -5.96 -14.26 21.76
N GLU A 314 -7.21 -13.88 21.95
CA GLU A 314 -8.32 -14.77 21.69
C GLU A 314 -9.40 -13.98 20.98
N PRO A 315 -10.08 -14.60 20.02
CA PRO A 315 -11.14 -13.88 19.31
C PRO A 315 -12.28 -13.72 20.31
N VAL A 316 -13.07 -12.66 20.20
CA VAL A 316 -14.17 -12.47 21.13
C VAL A 316 -15.46 -12.22 20.37
N VAL A 317 -16.49 -12.96 20.72
CA VAL A 317 -17.80 -12.82 20.11
C VAL A 317 -18.60 -11.90 21.02
N GLY A 318 -19.83 -11.57 20.61
CA GLY A 318 -20.67 -10.67 21.39
C GLY A 318 -20.92 -11.02 22.84
N ALA A 319 -21.24 -12.28 23.12
CA ALA A 319 -21.52 -12.68 24.49
C ALA A 319 -20.35 -12.39 25.43
N ARG A 320 -19.13 -12.71 24.97
CA ARG A 320 -17.94 -12.48 25.78
C ARG A 320 -17.58 -10.99 25.89
N TYR A 321 -17.78 -10.25 24.81
CA TYR A 321 -17.50 -8.81 24.79
C TYR A 321 -18.34 -8.13 25.84
N ILE A 322 -19.64 -8.41 25.84
CA ILE A 322 -20.55 -7.81 26.79
C ILE A 322 -20.20 -8.19 28.24
N GLN A 323 -19.85 -9.46 28.44
CA GLN A 323 -19.49 -9.93 29.76
C GLN A 323 -18.26 -9.18 30.27
N THR A 324 -17.30 -8.95 29.37
CA THR A 324 -16.08 -8.24 29.72
C THR A 324 -16.41 -6.81 30.15
N LEU A 325 -17.28 -6.14 29.40
CA LEU A 325 -17.66 -4.77 29.76
C LEU A 325 -18.30 -4.75 31.14
N LYS A 326 -19.08 -5.78 31.46
CA LYS A 326 -19.71 -5.84 32.77
C LYS A 326 -18.64 -6.01 33.84
N ASP A 327 -17.79 -7.01 33.66
CA ASP A 327 -16.74 -7.32 34.61
C ASP A 327 -15.71 -6.23 34.89
N HIS A 328 -15.43 -5.36 33.92
CA HIS A 328 -14.44 -4.31 34.14
C HIS A 328 -14.89 -2.88 33.92
N ARG A 329 -16.02 -2.69 33.24
CA ARG A 329 -16.55 -1.35 32.97
C ARG A 329 -15.51 -0.33 32.51
N PRO A 330 -14.63 -0.75 31.60
CA PRO A 330 -13.55 0.03 31.03
C PRO A 330 -13.87 1.33 30.33
N ARG A 331 -12.87 2.19 30.25
CA ARG A 331 -12.98 3.46 29.58
C ARG A 331 -12.84 3.10 28.11
N MET A 332 -13.76 3.56 27.28
CA MET A 332 -13.68 3.25 25.84
C MET A 332 -12.92 4.38 25.14
N VAL A 333 -11.83 4.02 24.48
CA VAL A 333 -11.02 5.01 23.77
C VAL A 333 -11.27 4.89 22.26
N TRP A 334 -11.33 6.04 21.60
CA TRP A 334 -11.54 6.09 20.16
C TRP A 334 -10.22 6.37 19.47
N ASP A 335 -9.81 5.44 18.62
CA ASP A 335 -8.57 5.55 17.87
C ASP A 335 -8.96 6.29 16.60
N SER A 336 -8.77 7.61 16.59
CA SER A 336 -9.14 8.43 15.43
C SER A 336 -8.36 8.13 14.17
N GLN A 337 -7.23 7.44 14.32
CA GLN A 337 -6.37 7.10 13.19
C GLN A 337 -6.81 5.82 12.49
N ALA A 338 -7.26 4.85 13.27
CA ALA A 338 -7.72 3.59 12.71
C ALA A 338 -9.24 3.56 12.57
N SER A 339 -9.90 4.43 13.32
CA SER A 339 -11.36 4.54 13.39
C SER A 339 -11.95 3.29 14.04
N GLU A 340 -11.46 2.99 15.25
CA GLU A 340 -11.93 1.85 16.03
C GLU A 340 -11.89 2.21 17.50
N HIS A 341 -12.62 1.44 18.31
CA HIS A 341 -12.65 1.66 19.74
C HIS A 341 -11.89 0.52 20.37
N PHE A 342 -11.11 0.83 21.39
CA PHE A 342 -10.40 -0.22 22.12
C PHE A 342 -10.58 0.13 23.59
N PHE A 343 -10.26 -0.81 24.46
CA PHE A 343 -10.36 -0.57 25.89
C PHE A 343 -9.41 -1.54 26.54
N GLU A 344 -8.97 -1.23 27.76
CA GLU A 344 -8.04 -2.09 28.44
C GLU A 344 -8.56 -2.54 29.79
N TYR A 345 -8.00 -3.63 30.29
CA TYR A 345 -8.38 -4.13 31.60
C TYR A 345 -7.29 -5.05 32.13
N LYS A 346 -7.14 -5.09 33.45
CA LYS A 346 -6.11 -5.91 34.08
C LYS A 346 -6.70 -7.17 34.71
N LYS A 347 -5.89 -8.22 34.74
CA LYS A 347 -6.27 -9.50 35.34
C LYS A 347 -4.97 -10.07 35.92
N SER A 348 -4.74 -9.84 37.21
CA SER A 348 -3.52 -10.33 37.87
C SER A 348 -3.23 -11.77 37.47
N ARG A 349 -4.30 -12.53 37.26
CA ARG A 349 -4.20 -13.93 36.84
C ARG A 349 -3.33 -14.03 35.58
N SER A 350 -3.77 -13.38 34.50
CA SER A 350 -3.07 -13.41 33.21
C SER A 350 -2.17 -12.21 32.96
N GLY A 351 -2.70 -11.00 33.13
CA GLY A 351 -1.92 -9.80 32.90
C GLY A 351 -2.76 -8.70 32.29
N ARG A 352 -2.10 -7.63 31.85
CA ARG A 352 -2.80 -6.51 31.24
C ARG A 352 -3.37 -6.95 29.90
N HIS A 353 -4.56 -6.45 29.55
CA HIS A 353 -5.22 -6.81 28.30
C HIS A 353 -5.73 -5.59 27.52
N VAL A 354 -5.82 -5.73 26.20
CA VAL A 354 -6.33 -4.69 25.29
C VAL A 354 -7.37 -5.35 24.37
N VAL A 355 -8.57 -4.78 24.32
CA VAL A 355 -9.60 -5.37 23.47
C VAL A 355 -10.03 -4.47 22.34
N PHE A 356 -10.13 -5.09 21.16
CA PHE A 356 -10.55 -4.41 19.92
C PHE A 356 -11.77 -5.13 19.40
N TYR A 357 -12.95 -4.53 19.60
CA TYR A 357 -14.21 -5.09 19.15
C TYR A 357 -14.98 -3.99 18.45
N PRO A 358 -15.68 -4.33 17.36
CA PRO A 358 -16.43 -3.30 16.64
C PRO A 358 -17.56 -2.63 17.42
N THR A 359 -17.79 -1.36 17.10
CA THR A 359 -18.84 -0.57 17.72
C THR A 359 -19.67 0.06 16.60
N LEU A 360 -20.87 0.54 16.92
CA LEU A 360 -21.72 1.16 15.90
C LEU A 360 -20.94 2.17 15.07
N LYS A 361 -20.04 2.88 15.73
CA LYS A 361 -19.26 3.89 15.05
C LYS A 361 -18.23 3.30 14.07
N SER A 362 -17.42 2.35 14.54
CA SER A 362 -16.41 1.78 13.66
C SER A 362 -17.08 1.11 12.47
N LEU A 363 -18.30 0.61 12.71
CA LEU A 363 -19.07 -0.05 11.66
C LEU A 363 -19.65 0.97 10.68
N GLN A 364 -20.39 1.94 11.21
CA GLN A 364 -21.01 2.95 10.37
C GLN A 364 -20.02 3.65 9.44
N VAL A 365 -18.85 3.98 9.97
CA VAL A 365 -17.82 4.65 9.18
C VAL A 365 -17.33 3.78 8.02
N ARG A 366 -17.40 2.46 8.17
CA ARG A 366 -16.95 1.56 7.12
C ARG A 366 -18.05 1.30 6.10
N LEU A 367 -19.28 1.57 6.48
CA LEU A 367 -20.39 1.39 5.56
C LEU A 367 -20.43 2.62 4.67
N GLU A 368 -20.08 3.76 5.23
CA GLU A 368 -20.06 4.99 4.46
C GLU A 368 -18.89 4.94 3.48
N LEU A 369 -17.83 4.24 3.88
CA LEU A 369 -16.64 4.08 3.04
C LEU A 369 -16.98 3.19 1.85
N ALA A 370 -17.67 2.07 2.10
CA ALA A 370 -18.07 1.16 1.04
C ALA A 370 -18.97 1.92 0.07
N ARG A 371 -19.83 2.75 0.64
CA ARG A 371 -20.75 3.59 -0.10
C ARG A 371 -19.99 4.50 -1.06
N GLU A 372 -18.96 5.19 -0.57
CA GLU A 372 -18.18 6.10 -1.41
C GLU A 372 -17.19 5.41 -2.34
N LEU A 373 -16.97 4.13 -2.16
CA LEU A 373 -16.07 3.41 -3.05
C LEU A 373 -16.92 2.65 -4.05
N GLY A 374 -18.24 2.65 -3.81
CA GLY A 374 -19.16 1.95 -4.70
C GLY A 374 -19.13 0.44 -4.56
N VAL A 375 -18.62 -0.04 -3.43
CA VAL A 375 -18.50 -1.47 -3.20
C VAL A 375 -19.55 -2.01 -2.23
N GLY A 376 -19.58 -3.32 -2.12
CA GLY A 376 -20.52 -3.96 -1.23
C GLY A 376 -19.82 -4.29 0.06
N VAL A 377 -20.41 -5.20 0.82
CA VAL A 377 -19.85 -5.57 2.10
C VAL A 377 -20.08 -7.02 2.48
N SER A 378 -19.05 -7.68 2.99
CA SER A 378 -19.18 -9.07 3.44
C SER A 378 -18.89 -9.01 4.93
N ILE A 379 -19.71 -9.72 5.69
CA ILE A 379 -19.58 -9.79 7.12
C ILE A 379 -19.16 -11.16 7.59
N TRP A 380 -18.00 -11.29 8.18
CA TRP A 380 -17.69 -12.47 8.95
C TRP A 380 -17.90 -12.26 10.43
N GLU A 381 -18.86 -12.94 11.04
CA GLU A 381 -19.92 -13.78 10.54
C GLU A 381 -21.07 -13.41 11.43
N LEU A 382 -22.28 -13.85 11.10
CA LEU A 382 -23.47 -13.35 11.78
C LEU A 382 -23.70 -13.94 13.15
N GLY A 383 -22.80 -14.78 13.59
CA GLY A 383 -22.93 -15.38 14.90
C GLY A 383 -22.10 -14.65 15.93
N GLN A 384 -21.20 -13.79 15.50
CA GLN A 384 -20.30 -13.09 16.42
C GLN A 384 -20.58 -11.64 16.80
N GLY A 385 -21.62 -11.02 16.23
CA GLY A 385 -21.88 -9.63 16.54
C GLY A 385 -22.83 -9.35 17.69
N LEU A 386 -23.34 -8.12 17.72
CA LEU A 386 -24.31 -7.70 18.73
C LEU A 386 -25.58 -7.48 17.91
N ASP A 387 -26.72 -7.91 18.41
CA ASP A 387 -27.94 -7.77 17.64
C ASP A 387 -28.22 -6.39 17.08
N TYR A 388 -28.00 -5.34 17.85
CA TYR A 388 -28.33 -4.03 17.33
C TYR A 388 -27.45 -3.51 16.18
N PHE A 389 -26.41 -4.27 15.80
CA PHE A 389 -25.55 -3.85 14.69
C PHE A 389 -26.34 -3.80 13.39
N TYR A 390 -27.16 -4.82 13.17
CA TYR A 390 -27.97 -4.96 11.97
C TYR A 390 -28.86 -3.74 11.67
N ASP A 391 -29.12 -2.93 12.69
CA ASP A 391 -29.93 -1.73 12.52
C ASP A 391 -29.27 -0.90 11.42
N LEU A 392 -27.94 -0.92 11.40
CA LEU A 392 -27.16 -0.19 10.42
C LEU A 392 -27.21 -0.81 9.03
N LEU A 393 -27.43 -2.12 8.98
CA LEU A 393 -27.49 -2.93 7.74
C LEU A 393 -26.34 -3.91 7.56
N THR B 33 45.73 1.60 7.40
CA THR B 33 45.22 0.77 6.33
C THR B 33 43.72 0.96 6.27
N LEU B 34 43.13 0.66 5.13
CA LEU B 34 43.37 -0.56 4.42
C LEU B 34 43.46 -0.14 2.99
N LEU B 35 43.98 -0.98 2.11
CA LEU B 35 44.52 -0.44 0.86
C LEU B 35 43.39 0.24 0.07
N GLU B 36 43.72 1.34 -0.60
CA GLU B 36 42.74 2.09 -1.36
C GLU B 36 43.29 2.36 -2.75
N LYS B 37 42.69 1.76 -3.78
CA LYS B 37 43.15 1.99 -5.14
C LYS B 37 42.93 3.45 -5.48
N SER B 38 43.59 3.94 -6.52
CA SER B 38 43.43 5.32 -6.94
C SER B 38 43.40 5.36 -8.46
N GLN B 39 43.90 4.29 -9.06
CA GLN B 39 43.95 4.17 -10.52
C GLN B 39 42.57 3.83 -11.03
N PHE B 40 42.33 4.08 -12.31
CA PHE B 40 41.02 3.78 -12.91
C PHE B 40 41.05 2.27 -13.18
N SER B 41 39.99 1.80 -13.83
CA SER B 41 39.86 0.39 -14.17
C SER B 41 39.63 0.11 -15.64
N ASP B 42 40.00 -1.10 -16.06
CA ASP B 42 39.83 -1.53 -17.43
C ASP B 42 38.38 -1.93 -17.62
N LYS B 43 37.86 -2.66 -16.65
CA LYS B 43 36.48 -3.12 -16.69
C LYS B 43 35.65 -2.51 -15.57
N PRO B 44 34.33 -2.39 -15.79
CA PRO B 44 33.41 -1.84 -14.81
C PRO B 44 33.13 -2.88 -13.73
N VAL B 45 32.77 -2.42 -12.53
CA VAL B 45 32.50 -3.32 -11.43
C VAL B 45 31.63 -4.54 -11.76
N GLN B 46 30.73 -4.43 -12.73
CA GLN B 46 29.87 -5.57 -13.08
C GLN B 46 30.64 -6.70 -13.72
N ASP B 47 31.75 -6.36 -14.36
CA ASP B 47 32.56 -7.34 -15.05
C ASP B 47 33.80 -7.69 -14.23
N ARG B 48 33.74 -7.40 -12.94
CA ARG B 48 34.85 -7.67 -12.03
C ARG B 48 34.34 -8.42 -10.80
N GLY B 49 33.16 -9.01 -10.91
CA GLY B 49 32.60 -9.77 -9.81
C GLY B 49 32.55 -8.99 -8.51
N LEU B 50 32.30 -7.69 -8.61
CA LEU B 50 32.25 -6.84 -7.44
C LEU B 50 30.85 -6.63 -6.88
N VAL B 51 29.82 -6.81 -7.70
CA VAL B 51 28.45 -6.62 -7.23
C VAL B 51 28.00 -7.94 -6.60
N VAL B 52 28.18 -8.03 -5.29
CA VAL B 52 27.88 -9.24 -4.53
C VAL B 52 27.17 -8.98 -3.20
N THR B 53 26.47 -9.99 -2.70
CA THR B 53 25.77 -9.88 -1.42
C THR B 53 26.78 -10.17 -0.31
N ASP B 54 27.79 -10.98 -0.60
CA ASP B 54 28.83 -11.31 0.38
C ASP B 54 29.87 -10.18 0.36
N LEU B 55 29.61 -9.11 1.10
CA LEU B 55 30.49 -7.96 1.10
C LEU B 55 31.44 -7.81 2.30
N LYS B 56 32.68 -7.44 1.99
CA LYS B 56 33.72 -7.21 3.00
C LYS B 56 34.07 -5.72 2.97
N ALA B 57 34.18 -5.10 4.15
CA ALA B 57 34.50 -3.68 4.21
C ALA B 57 35.71 -3.35 3.34
N GLU B 58 36.77 -4.14 3.50
CA GLU B 58 38.00 -3.95 2.74
C GLU B 58 37.80 -3.88 1.23
N SER B 59 36.88 -4.67 0.71
CA SER B 59 36.62 -4.67 -0.72
C SER B 59 36.08 -3.33 -1.20
N VAL B 60 35.22 -2.72 -0.39
CA VAL B 60 34.61 -1.43 -0.71
C VAL B 60 35.63 -0.30 -0.65
N VAL B 61 36.30 -0.17 0.50
CA VAL B 61 37.27 0.89 0.65
C VAL B 61 38.45 0.72 -0.32
N LEU B 62 38.64 -0.50 -0.80
CA LEU B 62 39.72 -0.78 -1.73
C LEU B 62 39.40 -0.38 -3.16
N GLU B 63 38.15 -0.60 -3.56
CA GLU B 63 37.74 -0.33 -4.92
C GLU B 63 36.94 0.93 -5.25
N HIS B 64 36.23 1.48 -4.25
CA HIS B 64 35.35 2.63 -4.48
C HIS B 64 35.80 3.73 -5.42
N ARG B 65 37.06 4.15 -5.34
CA ARG B 65 37.55 5.21 -6.21
C ARG B 65 37.82 4.75 -7.64
N SER B 66 38.07 3.45 -7.80
CA SER B 66 38.42 2.92 -9.10
C SER B 66 37.26 2.60 -10.02
N TYR B 67 36.79 3.61 -10.75
CA TYR B 67 35.71 3.40 -11.69
C TYR B 67 36.31 3.15 -13.07
N CYS B 68 35.50 2.66 -13.99
CA CYS B 68 35.99 2.38 -15.33
C CYS B 68 35.93 3.66 -16.16
N SER B 69 37.08 4.32 -16.27
CA SER B 69 37.19 5.56 -17.01
C SER B 69 36.97 5.41 -18.50
N ALA B 70 37.51 4.34 -19.06
CA ALA B 70 37.38 4.08 -20.49
C ALA B 70 35.92 3.98 -20.91
N LYS B 71 35.06 3.55 -20.00
CA LYS B 71 33.64 3.42 -20.33
C LYS B 71 32.74 4.33 -19.50
N ALA B 72 33.28 5.51 -19.15
CA ALA B 72 32.56 6.50 -18.36
C ALA B 72 31.53 7.23 -19.20
N ARG B 73 31.51 6.95 -20.49
CA ARG B 73 30.58 7.58 -21.42
C ARG B 73 29.52 6.62 -21.93
N ASP B 74 29.60 5.36 -21.49
CA ASP B 74 28.62 4.35 -21.91
C ASP B 74 27.50 4.24 -20.90
N ARG B 75 26.32 3.89 -21.38
CA ARG B 75 25.17 3.75 -20.51
C ARG B 75 24.85 2.28 -20.38
N HIS B 76 24.72 1.81 -19.14
CA HIS B 76 24.38 0.42 -18.89
C HIS B 76 22.94 0.33 -18.44
N PHE B 77 22.30 1.48 -18.29
CA PHE B 77 20.91 1.55 -17.89
C PHE B 77 20.16 2.20 -19.04
N ALA B 78 19.07 1.58 -19.47
CA ALA B 78 18.31 2.06 -20.61
C ALA B 78 17.29 3.17 -20.37
N GLY B 79 16.71 3.21 -19.19
CA GLY B 79 15.72 4.24 -18.94
C GLY B 79 16.33 5.60 -18.64
N ASP B 80 15.47 6.58 -18.40
CA ASP B 80 15.91 7.91 -18.07
C ASP B 80 16.54 7.88 -16.69
N VAL B 81 17.52 8.74 -16.48
CA VAL B 81 18.16 8.81 -15.19
C VAL B 81 18.45 10.27 -14.89
N LEU B 82 17.82 10.74 -13.81
CA LEU B 82 17.94 12.11 -13.34
C LEU B 82 18.91 12.17 -12.17
N GLY B 83 19.83 13.14 -12.20
CA GLY B 83 20.77 13.28 -11.09
C GLY B 83 20.70 14.64 -10.42
N TYR B 84 20.55 14.67 -9.09
CA TYR B 84 20.50 15.94 -8.36
C TYR B 84 21.91 16.35 -7.95
N VAL B 85 22.17 17.66 -7.96
CA VAL B 85 23.45 18.21 -7.58
C VAL B 85 23.19 19.37 -6.62
N THR B 86 23.89 19.39 -5.50
CA THR B 86 23.70 20.45 -4.51
C THR B 86 24.99 21.23 -4.26
N PRO B 87 24.88 22.52 -3.90
CA PRO B 87 26.08 23.33 -3.65
C PRO B 87 26.87 22.90 -2.41
N TRP B 88 26.20 22.25 -1.46
CA TRP B 88 26.85 21.83 -0.23
C TRP B 88 27.54 20.45 -0.23
N ASN B 89 27.61 19.81 -1.39
CA ASN B 89 28.28 18.53 -1.57
C ASN B 89 28.82 18.69 -2.98
N SER B 90 29.61 19.76 -3.17
CA SER B 90 30.18 20.12 -4.46
C SER B 90 30.90 19.00 -5.24
N HIS B 91 31.07 17.84 -4.63
CA HIS B 91 31.70 16.76 -5.35
C HIS B 91 30.77 16.41 -6.49
N GLY B 92 29.50 16.74 -6.32
CA GLY B 92 28.49 16.47 -7.34
C GLY B 92 28.74 17.19 -8.65
N TYR B 93 29.25 18.43 -8.57
CA TYR B 93 29.53 19.18 -9.78
C TYR B 93 30.58 18.46 -10.61
N ASP B 94 31.58 17.88 -9.94
CA ASP B 94 32.66 17.17 -10.64
C ASP B 94 32.18 15.84 -11.21
N VAL B 95 31.41 15.12 -10.40
CA VAL B 95 30.85 13.85 -10.80
C VAL B 95 30.11 14.07 -12.13
N THR B 96 29.28 15.11 -12.17
CA THR B 96 28.49 15.42 -13.35
C THR B 96 29.31 15.64 -14.61
N LYS B 97 30.49 16.22 -14.48
CA LYS B 97 31.32 16.47 -15.65
C LYS B 97 31.97 15.20 -16.17
N VAL B 98 32.30 14.30 -15.25
CA VAL B 98 32.92 13.03 -15.61
C VAL B 98 31.92 11.99 -16.13
N PHE B 99 30.78 11.88 -15.45
CA PHE B 99 29.75 10.89 -15.82
C PHE B 99 28.49 11.42 -16.49
N GLY B 100 28.53 12.67 -16.94
CA GLY B 100 27.36 13.26 -17.58
C GLY B 100 26.63 12.48 -18.67
N SER B 101 27.36 11.70 -19.46
CA SER B 101 26.74 10.95 -20.55
C SER B 101 25.81 9.85 -20.03
N LYS B 102 25.97 9.49 -18.75
CA LYS B 102 25.15 8.47 -18.13
C LYS B 102 23.82 9.02 -17.63
N PHE B 103 23.68 10.34 -17.72
CA PHE B 103 22.45 11.00 -17.27
C PHE B 103 21.66 11.58 -18.43
N THR B 104 20.35 11.62 -18.29
CA THR B 104 19.47 12.20 -19.30
C THR B 104 19.11 13.59 -18.78
N GLN B 105 19.00 13.71 -17.45
CA GLN B 105 18.69 14.99 -16.81
C GLN B 105 19.54 15.20 -15.55
N ILE B 106 19.99 16.43 -15.36
CA ILE B 106 20.76 16.82 -14.18
C ILE B 106 19.98 17.97 -13.58
N SER B 107 19.73 17.91 -12.28
CA SER B 107 18.95 18.94 -11.62
C SER B 107 19.69 19.58 -10.48
N PRO B 108 20.22 20.79 -10.69
CA PRO B 108 20.95 21.49 -9.62
C PRO B 108 19.98 22.08 -8.58
N VAL B 109 20.34 21.96 -7.31
CA VAL B 109 19.49 22.46 -6.23
C VAL B 109 19.91 23.88 -5.84
N TRP B 110 19.39 24.86 -6.58
CA TRP B 110 19.74 26.26 -6.35
C TRP B 110 18.56 27.21 -6.10
N LEU B 111 17.49 27.00 -6.87
CA LEU B 111 16.32 27.87 -6.85
C LEU B 111 15.16 27.61 -5.91
N GLN B 112 14.44 28.69 -5.62
CA GLN B 112 13.24 28.67 -4.79
C GLN B 112 12.23 29.61 -5.44
N LEU B 113 10.95 29.27 -5.35
CA LEU B 113 9.92 30.14 -5.89
C LEU B 113 9.26 30.84 -4.70
N LYS B 114 9.31 32.16 -4.70
CA LYS B 114 8.73 32.92 -3.62
C LYS B 114 7.61 33.82 -4.11
N ARG B 115 6.57 33.96 -3.30
CA ARG B 115 5.46 34.83 -3.65
C ARG B 115 5.64 36.06 -2.77
N ARG B 116 6.15 37.13 -3.37
CA ARG B 116 6.40 38.37 -2.63
C ARG B 116 5.13 39.19 -2.40
N GLY B 117 4.19 39.14 -3.34
CA GLY B 117 2.96 39.88 -3.20
C GLY B 117 1.95 39.51 -4.26
N ARG B 118 0.72 40.01 -4.12
CA ARG B 118 -0.31 39.71 -5.09
C ARG B 118 0.20 39.87 -6.51
N GLU B 119 0.13 38.76 -7.27
CA GLU B 119 0.58 38.73 -8.65
C GLU B 119 2.07 39.07 -8.79
N MET B 120 2.82 38.88 -7.70
CA MET B 120 4.27 39.12 -7.68
C MET B 120 5.06 37.90 -7.17
N PHE B 121 5.75 37.24 -8.10
CA PHE B 121 6.55 36.05 -7.80
C PHE B 121 8.02 36.30 -8.09
N GLU B 122 8.88 35.65 -7.34
CA GLU B 122 10.31 35.83 -7.51
C GLU B 122 11.11 34.53 -7.37
N VAL B 123 11.99 34.28 -8.33
CA VAL B 123 12.84 33.09 -8.30
C VAL B 123 14.12 33.49 -7.59
N THR B 124 14.36 32.90 -6.42
CA THR B 124 15.56 33.22 -5.66
C THR B 124 16.64 32.16 -5.73
N GLY B 125 17.87 32.55 -5.39
CA GLY B 125 18.99 31.63 -5.41
C GLY B 125 19.77 31.64 -6.71
N LEU B 126 19.34 32.48 -7.64
CA LEU B 126 20.00 32.59 -8.94
C LEU B 126 21.49 32.88 -8.82
N HIS B 127 21.92 33.31 -7.65
CA HIS B 127 23.32 33.64 -7.44
C HIS B 127 24.15 32.36 -7.39
N ASP B 128 23.50 31.21 -7.32
CA ASP B 128 24.24 29.96 -7.28
C ASP B 128 24.30 29.31 -8.65
N VAL B 129 23.51 29.75 -9.62
CA VAL B 129 23.59 29.11 -10.92
C VAL B 129 24.97 29.39 -11.48
N ASP B 130 25.66 28.32 -11.88
CA ASP B 130 27.02 28.39 -12.41
C ASP B 130 26.98 28.14 -13.91
N GLN B 131 27.02 29.21 -14.69
CA GLN B 131 26.97 29.10 -16.13
C GLN B 131 28.16 28.39 -16.73
N GLY B 132 29.33 28.57 -16.13
CA GLY B 132 30.54 27.94 -16.64
C GLY B 132 30.49 26.43 -16.44
N TRP B 133 29.93 26.02 -15.30
CA TRP B 133 29.77 24.61 -14.97
C TRP B 133 28.78 23.97 -15.94
N MET B 134 27.68 24.68 -16.21
CA MET B 134 26.64 24.18 -17.13
C MET B 134 27.22 23.99 -18.54
N ARG B 135 28.05 24.95 -18.96
CA ARG B 135 28.68 24.94 -20.27
C ARG B 135 29.58 23.71 -20.33
N ALA B 136 30.26 23.41 -19.23
CA ALA B 136 31.14 22.27 -19.19
C ALA B 136 30.41 20.93 -19.29
N VAL B 137 29.46 20.68 -18.37
CA VAL B 137 28.74 19.42 -18.39
C VAL B 137 27.99 19.19 -19.68
N ARG B 138 27.62 20.27 -20.37
CA ARG B 138 26.87 20.14 -21.63
C ARG B 138 27.81 19.88 -22.79
N LYS B 139 29.04 20.35 -22.67
CA LYS B 139 30.05 20.17 -23.70
C LYS B 139 30.30 18.69 -23.98
N HIS B 140 30.59 17.93 -22.93
CA HIS B 140 30.89 16.50 -23.09
C HIS B 140 29.70 15.57 -22.92
N ALA B 141 28.50 16.14 -22.93
CA ALA B 141 27.28 15.34 -22.79
C ALA B 141 26.14 16.03 -23.48
N LYS B 142 26.11 15.95 -24.80
CA LYS B 142 25.03 16.57 -25.55
C LYS B 142 23.76 15.81 -25.25
N GLY B 143 22.63 16.50 -25.31
CA GLY B 143 21.36 15.87 -25.03
C GLY B 143 21.05 15.93 -23.55
N LEU B 144 22.07 16.21 -22.75
CA LEU B 144 21.88 16.31 -21.32
C LEU B 144 20.98 17.52 -21.04
N HIS B 145 19.88 17.27 -20.34
CA HIS B 145 18.96 18.34 -19.99
C HIS B 145 19.25 18.83 -18.59
N ILE B 146 19.47 20.14 -18.44
CA ILE B 146 19.71 20.70 -17.11
C ILE B 146 18.41 21.29 -16.63
N VAL B 147 17.78 20.60 -15.69
CA VAL B 147 16.49 21.00 -15.15
C VAL B 147 16.56 21.28 -13.64
N PRO B 148 16.95 22.50 -13.25
CA PRO B 148 17.08 22.92 -11.84
C PRO B 148 15.84 22.71 -10.99
N ARG B 149 16.04 22.37 -9.73
CA ARG B 149 14.92 22.17 -8.82
C ARG B 149 14.36 23.54 -8.43
N LEU B 150 13.04 23.69 -8.51
CA LEU B 150 12.39 24.93 -8.15
C LEU B 150 11.57 24.57 -6.92
N LEU B 151 12.01 25.03 -5.75
CA LEU B 151 11.33 24.71 -4.51
C LEU B 151 10.41 25.83 -4.04
N PHE B 152 9.14 25.52 -3.78
CA PHE B 152 8.25 26.56 -3.28
C PHE B 152 8.61 26.73 -1.83
N GLU B 153 9.09 27.93 -1.48
CA GLU B 153 9.53 28.20 -0.12
C GLU B 153 8.88 29.42 0.51
N ASP B 154 8.65 29.32 1.83
CA ASP B 154 8.05 30.41 2.59
C ASP B 154 6.60 30.69 2.26
N TRP B 155 5.98 29.82 1.46
CA TRP B 155 4.58 30.02 1.13
C TRP B 155 3.71 29.79 2.35
N THR B 156 2.54 30.40 2.35
CA THR B 156 1.60 30.27 3.46
C THR B 156 0.30 29.69 2.94
N TYR B 157 -0.58 29.32 3.87
CA TYR B 157 -1.87 28.76 3.49
C TYR B 157 -2.55 29.72 2.53
N ASP B 158 -2.53 31.00 2.86
CA ASP B 158 -3.17 32.02 2.02
C ASP B 158 -2.46 32.27 0.70
N ASP B 159 -1.15 32.10 0.66
CA ASP B 159 -0.43 32.28 -0.59
C ASP B 159 -1.05 31.31 -1.58
N PHE B 160 -1.02 30.02 -1.23
CA PHE B 160 -1.59 29.00 -2.09
C PHE B 160 -3.06 29.28 -2.37
N ARG B 161 -3.76 29.72 -1.33
CA ARG B 161 -5.18 30.01 -1.46
C ARG B 161 -5.41 31.09 -2.51
N ASN B 162 -4.78 32.24 -2.32
CA ASN B 162 -4.93 33.36 -3.24
C ASN B 162 -4.39 33.05 -4.64
N VAL B 163 -3.42 32.15 -4.71
CA VAL B 163 -2.81 31.79 -6.00
C VAL B 163 -3.56 30.69 -6.75
N LEU B 164 -3.77 29.56 -6.09
CA LEU B 164 -4.46 28.44 -6.74
C LEU B 164 -5.88 28.81 -7.12
N ASP B 165 -6.33 29.95 -6.62
CA ASP B 165 -7.67 30.45 -6.86
C ASP B 165 -7.79 31.44 -8.03
N SER B 166 -6.69 32.09 -8.39
CA SER B 166 -6.69 33.06 -9.49
C SER B 166 -5.92 32.67 -10.74
N GLU B 167 -6.64 32.45 -11.83
CA GLU B 167 -6.00 32.08 -13.10
C GLU B 167 -4.99 33.15 -13.47
N ASP B 168 -5.30 34.39 -13.07
CA ASP B 168 -4.44 35.53 -13.34
C ASP B 168 -3.08 35.38 -12.68
N GLU B 169 -3.10 35.12 -11.37
CA GLU B 169 -1.89 34.96 -10.61
C GLU B 169 -1.10 33.74 -11.09
N ILE B 170 -1.80 32.68 -11.48
CA ILE B 170 -1.15 31.48 -11.99
C ILE B 170 -0.35 31.84 -13.24
N GLU B 171 -0.96 32.65 -14.10
CA GLU B 171 -0.33 33.09 -15.33
C GLU B 171 0.92 33.93 -15.04
N GLU B 172 0.85 34.73 -13.98
CA GLU B 172 1.98 35.58 -13.61
C GLU B 172 3.12 34.70 -13.14
N LEU B 173 2.77 33.70 -12.33
CA LEU B 173 3.73 32.76 -11.79
C LEU B 173 4.45 32.06 -12.94
N SER B 174 3.69 31.72 -13.97
CA SER B 174 4.26 31.04 -15.12
C SER B 174 5.22 31.94 -15.89
N LYS B 175 4.88 33.22 -16.02
CA LYS B 175 5.73 34.17 -16.72
C LYS B 175 7.09 34.27 -16.05
N THR B 176 7.06 34.38 -14.72
CA THR B 176 8.29 34.50 -13.95
C THR B 176 9.23 33.32 -14.15
N VAL B 177 8.71 32.11 -13.95
CA VAL B 177 9.47 30.88 -14.10
C VAL B 177 10.03 30.69 -15.51
N VAL B 178 9.18 30.85 -16.53
CA VAL B 178 9.63 30.70 -17.91
C VAL B 178 10.76 31.69 -18.25
N GLN B 179 10.70 32.88 -17.68
CA GLN B 179 11.72 33.89 -17.96
C GLN B 179 13.10 33.48 -17.46
N VAL B 180 13.22 33.09 -16.19
CA VAL B 180 14.54 32.71 -15.68
C VAL B 180 15.04 31.46 -16.40
N ALA B 181 14.13 30.69 -16.98
CA ALA B 181 14.53 29.49 -17.69
C ALA B 181 15.14 29.89 -19.03
N LYS B 182 14.49 30.81 -19.73
CA LYS B 182 15.02 31.22 -21.02
C LYS B 182 16.24 32.12 -20.90
N ASN B 183 16.29 32.94 -19.86
CA ASN B 183 17.42 33.83 -19.68
C ASN B 183 18.64 33.14 -19.11
N GLN B 184 18.45 32.08 -18.33
CA GLN B 184 19.59 31.39 -17.74
C GLN B 184 19.93 30.07 -18.42
N HIS B 185 19.27 29.77 -19.54
CA HIS B 185 19.54 28.53 -20.26
C HIS B 185 19.26 27.25 -19.45
N PHE B 186 18.05 27.10 -18.93
CA PHE B 186 17.70 25.89 -18.20
C PHE B 186 16.80 25.16 -19.18
N ASP B 187 16.80 23.85 -19.15
CA ASP B 187 15.96 23.09 -20.07
C ASP B 187 14.57 22.87 -19.47
N GLY B 188 14.36 23.40 -18.28
CA GLY B 188 13.10 23.27 -17.60
C GLY B 188 13.35 23.23 -16.10
N PHE B 189 12.38 22.76 -15.33
CA PHE B 189 12.51 22.71 -13.88
C PHE B 189 11.94 21.44 -13.26
N VAL B 190 12.42 21.12 -12.06
CA VAL B 190 11.90 20.00 -11.31
C VAL B 190 11.18 20.71 -10.15
N VAL B 191 9.86 20.82 -10.26
CA VAL B 191 9.08 21.51 -9.24
C VAL B 191 8.85 20.71 -7.96
N GLU B 192 9.18 21.32 -6.82
CA GLU B 192 8.93 20.66 -5.54
C GLU B 192 7.95 21.45 -4.68
N VAL B 193 6.67 21.13 -4.81
CA VAL B 193 5.64 21.84 -4.06
C VAL B 193 4.58 21.00 -3.38
N TRP B 194 4.29 19.84 -3.95
CA TRP B 194 3.25 18.94 -3.47
C TRP B 194 3.01 18.53 -2.02
N ASN B 195 4.06 18.30 -1.26
CA ASN B 195 3.86 17.90 0.12
C ASN B 195 4.32 19.15 0.87
N GLN B 196 4.93 20.08 0.14
CA GLN B 196 5.41 21.32 0.72
C GLN B 196 4.27 22.31 0.94
N LEU B 197 3.05 21.78 1.11
CA LEU B 197 1.91 22.60 1.49
C LEU B 197 1.14 21.96 2.65
N LEU B 198 0.74 20.70 2.47
CA LEU B 198 0.11 19.93 3.53
C LEU B 198 -1.20 20.58 3.97
N SER B 199 -2.09 20.82 3.01
CA SER B 199 -3.49 21.11 3.32
C SER B 199 -4.43 20.31 2.44
N GLN B 200 -4.07 19.99 1.25
CA GLN B 200 -4.94 19.26 0.33
C GLN B 200 -6.18 20.08 -0.02
N ARG B 202 -4.25 18.03 -5.52
CA ARG B 202 -5.50 18.73 -5.24
C ARG B 202 -6.01 19.53 -6.43
N VAL B 203 -7.29 19.34 -6.73
CA VAL B 203 -7.95 19.99 -7.86
C VAL B 203 -7.45 21.38 -8.20
N GLY B 204 -7.01 22.11 -7.17
CA GLY B 204 -6.51 23.47 -7.35
C GLY B 204 -5.01 23.49 -7.57
N LEU B 205 -4.29 22.63 -6.87
CA LEU B 205 -2.84 22.54 -7.01
C LEU B 205 -2.55 21.89 -8.36
N ILE B 206 -3.26 20.81 -8.66
CA ILE B 206 -3.11 20.09 -9.92
C ILE B 206 -3.36 21.05 -11.07
N HIS B 207 -4.28 21.98 -10.84
CA HIS B 207 -4.63 22.98 -11.84
C HIS B 207 -3.50 23.92 -12.18
N MET B 208 -2.83 24.47 -11.16
CA MET B 208 -1.73 25.40 -11.43
C MET B 208 -0.48 24.65 -11.89
N LEU B 209 -0.45 23.34 -11.70
CA LEU B 209 0.68 22.56 -12.17
C LEU B 209 0.48 22.31 -13.64
N THR B 210 -0.75 21.99 -14.02
CA THR B 210 -1.08 21.75 -15.42
C THR B 210 -0.78 23.01 -16.21
N HIS B 211 -1.27 24.13 -15.71
CA HIS B 211 -1.06 25.39 -16.38
C HIS B 211 0.43 25.69 -16.52
N LEU B 212 1.17 25.58 -15.41
CA LEU B 212 2.60 25.86 -15.41
C LEU B 212 3.29 25.01 -16.47
N ALA B 213 2.95 23.73 -16.49
CA ALA B 213 3.54 22.79 -17.43
C ALA B 213 3.24 23.20 -18.87
N GLU B 214 2.03 23.67 -19.11
CA GLU B 214 1.62 24.11 -20.43
C GLU B 214 2.44 25.33 -20.88
N ALA B 215 2.62 26.27 -19.97
CA ALA B 215 3.39 27.48 -20.24
C ALA B 215 4.83 27.10 -20.55
N LEU B 216 5.37 26.18 -19.74
CA LEU B 216 6.73 25.68 -19.90
C LEU B 216 6.86 25.03 -21.27
N HIS B 217 5.93 24.15 -21.60
CA HIS B 217 5.95 23.45 -22.87
C HIS B 217 5.84 24.38 -24.07
N GLN B 218 5.10 25.47 -23.91
CA GLN B 218 4.93 26.43 -24.98
C GLN B 218 6.25 27.13 -25.25
N ALA B 219 7.11 27.19 -24.24
CA ALA B 219 8.43 27.82 -24.37
C ALA B 219 9.50 26.78 -24.66
N ARG B 220 9.05 25.57 -25.02
CA ARG B 220 9.97 24.48 -25.34
C ARG B 220 10.79 24.05 -24.12
N LEU B 221 10.17 24.06 -22.94
CA LEU B 221 10.83 23.68 -21.69
C LEU B 221 10.19 22.47 -21.00
N LEU B 222 11.00 21.69 -20.28
CA LEU B 222 10.51 20.51 -19.57
C LEU B 222 9.91 20.82 -18.19
N ALA B 223 8.96 19.99 -17.78
CA ALA B 223 8.29 20.17 -16.49
C ALA B 223 8.23 18.89 -15.66
N LEU B 224 9.01 18.81 -14.59
CA LEU B 224 8.97 17.62 -13.74
C LEU B 224 8.44 17.97 -12.36
N LEU B 225 7.93 16.97 -11.65
CA LEU B 225 7.36 17.16 -10.32
C LEU B 225 7.88 16.17 -9.28
N VAL B 226 8.24 16.67 -8.11
CA VAL B 226 8.72 15.78 -7.07
C VAL B 226 7.45 15.23 -6.43
N ILE B 227 7.44 13.94 -6.12
CA ILE B 227 6.24 13.35 -5.50
C ILE B 227 6.56 12.31 -4.42
N PRO B 228 5.77 12.29 -3.35
CA PRO B 228 5.98 11.33 -2.26
C PRO B 228 5.59 9.90 -2.69
N PRO B 229 6.13 8.90 -1.97
CA PRO B 229 5.81 7.50 -2.30
C PRO B 229 4.32 7.23 -2.09
N ALA B 230 3.72 6.45 -2.99
CA ALA B 230 2.30 6.15 -2.93
C ALA B 230 1.88 5.49 -1.61
N ILE B 231 2.70 4.57 -1.13
CA ILE B 231 2.43 3.86 0.12
C ILE B 231 3.26 4.52 1.23
N THR B 232 2.59 5.03 2.25
CA THR B 232 3.30 5.68 3.34
C THR B 232 3.99 4.67 4.25
N PRO B 233 5.31 4.79 4.37
CA PRO B 233 6.11 3.87 5.20
C PRO B 233 5.54 3.54 6.58
N GLY B 234 5.49 2.24 6.87
CA GLY B 234 5.00 1.76 8.15
C GLY B 234 3.50 1.79 8.35
N THR B 235 2.75 2.23 7.33
CA THR B 235 1.32 2.33 7.50
C THR B 235 0.33 1.49 6.67
N ASP B 236 0.81 0.91 5.56
CA ASP B 236 -0.03 0.09 4.69
C ASP B 236 -1.15 0.92 4.10
N GLN B 237 -0.89 2.20 3.94
CA GLN B 237 -1.90 3.11 3.43
C GLN B 237 -1.33 4.05 2.37
N LEU B 238 -2.21 4.61 1.56
CA LEU B 238 -1.78 5.52 0.52
C LEU B 238 -1.47 6.90 1.05
N GLY B 239 -0.56 7.60 0.38
CA GLY B 239 -0.20 8.94 0.80
C GLY B 239 -0.90 9.99 -0.02
N MET B 240 -0.37 11.22 0.03
CA MET B 240 -0.95 12.36 -0.68
C MET B 240 -0.80 12.38 -2.20
N PHE B 241 0.01 11.49 -2.75
CA PHE B 241 0.10 11.45 -4.20
C PHE B 241 -0.05 10.02 -4.64
N THR B 242 -1.22 9.73 -5.18
CA THR B 242 -1.59 8.40 -5.62
C THR B 242 -2.12 8.42 -7.05
N HIS B 243 -2.60 7.28 -7.51
CA HIS B 243 -3.15 7.15 -8.86
C HIS B 243 -4.17 8.21 -9.28
N LYS B 244 -4.97 8.69 -8.34
CA LYS B 244 -5.96 9.73 -8.66
C LYS B 244 -5.23 10.93 -9.23
N GLU B 245 -4.19 11.38 -8.52
CA GLU B 245 -3.41 12.52 -8.94
C GLU B 245 -2.56 12.22 -10.18
N PHE B 246 -1.86 11.09 -10.15
CA PHE B 246 -0.97 10.73 -11.26
C PHE B 246 -1.69 10.75 -12.61
N GLU B 247 -2.85 10.11 -12.65
CA GLU B 247 -3.69 10.00 -13.85
C GLU B 247 -3.95 11.35 -14.48
N GLN B 248 -4.12 12.37 -13.63
CA GLN B 248 -4.39 13.72 -14.09
C GLN B 248 -3.17 14.49 -14.53
N LEU B 249 -2.03 14.24 -13.91
CA LEU B 249 -0.81 14.97 -14.23
C LEU B 249 0.13 14.24 -15.18
N ALA B 250 0.17 12.92 -15.09
CA ALA B 250 1.06 12.14 -15.93
C ALA B 250 0.98 12.42 -17.43
N PRO B 251 -0.21 12.74 -17.96
CA PRO B 251 -0.28 13.01 -19.41
C PRO B 251 0.37 14.32 -19.82
N VAL B 252 0.39 15.28 -18.90
CA VAL B 252 0.92 16.61 -19.19
C VAL B 252 2.35 16.89 -18.72
N LEU B 253 2.79 16.23 -17.66
CA LEU B 253 4.14 16.45 -17.16
C LEU B 253 5.18 15.52 -17.82
N ASP B 254 6.42 16.00 -17.86
CA ASP B 254 7.51 15.25 -18.48
C ASP B 254 8.09 14.15 -17.61
N GLY B 255 8.14 14.40 -16.31
CA GLY B 255 8.69 13.38 -15.43
C GLY B 255 8.22 13.55 -14.01
N PHE B 256 8.52 12.53 -13.20
CA PHE B 256 8.14 12.50 -11.80
C PHE B 256 9.29 11.96 -10.95
N SER B 257 9.89 12.81 -10.14
CA SER B 257 10.96 12.39 -9.26
C SER B 257 10.30 11.75 -8.04
N LEU B 258 10.17 10.44 -8.09
CA LEU B 258 9.52 9.67 -7.03
C LEU B 258 10.43 9.41 -5.85
N MET B 259 10.14 10.03 -4.71
CA MET B 259 10.95 9.84 -3.51
C MET B 259 10.57 8.42 -3.09
N THR B 260 11.49 7.47 -3.28
CA THR B 260 11.25 6.08 -2.91
C THR B 260 12.59 5.90 -2.19
N TYR B 261 12.67 6.45 -0.99
CA TYR B 261 13.86 6.35 -0.15
C TYR B 261 13.46 7.03 1.15
N ASP B 262 14.33 6.94 2.16
CA ASP B 262 14.04 7.52 3.46
C ASP B 262 12.79 6.86 4.06
N TYR B 263 12.78 5.53 4.01
CA TYR B 263 11.69 4.71 4.51
C TYR B 263 11.69 4.57 6.03
N SER B 264 12.86 4.51 6.63
CA SER B 264 12.96 4.37 8.08
C SER B 264 13.11 5.72 8.76
N THR B 265 13.03 5.71 10.09
CA THR B 265 13.14 6.94 10.89
C THR B 265 14.10 6.79 12.07
N ALA B 266 14.49 7.92 12.67
CA ALA B 266 15.40 7.91 13.82
C ALA B 266 14.88 7.02 14.95
N HIS B 267 13.58 7.17 15.26
CA HIS B 267 12.97 6.36 16.29
C HIS B 267 12.83 4.90 15.87
N GLN B 268 12.73 4.66 14.57
CA GLN B 268 12.56 3.29 14.05
C GLN B 268 13.56 2.91 12.95
N PRO B 269 14.85 2.82 13.31
CA PRO B 269 15.95 2.47 12.39
C PRO B 269 15.70 1.25 11.51
N GLY B 270 16.16 1.34 10.27
CA GLY B 270 16.01 0.27 9.30
C GLY B 270 16.50 0.68 7.93
N PRO B 271 16.19 -0.10 6.88
CA PRO B 271 16.61 0.20 5.50
C PRO B 271 16.12 1.52 4.94
N ASN B 272 16.84 2.03 3.95
CA ASN B 272 16.47 3.30 3.31
C ASN B 272 15.23 2.98 2.49
N ALA B 273 15.36 2.08 1.53
CA ALA B 273 14.25 1.71 0.66
C ALA B 273 14.05 0.23 0.40
N PRO B 274 13.25 -0.44 1.24
CA PRO B 274 12.94 -1.87 1.11
C PRO B 274 12.50 -2.16 -0.32
N LEU B 275 13.20 -3.06 -0.98
CA LEU B 275 12.92 -3.38 -2.38
C LEU B 275 11.46 -3.55 -2.77
N SER B 276 10.70 -4.35 -2.01
CA SER B 276 9.29 -4.57 -2.34
C SER B 276 8.40 -3.36 -2.07
N TRP B 277 8.82 -2.48 -1.16
CA TRP B 277 8.03 -1.28 -0.90
C TRP B 277 8.20 -0.42 -2.15
N VAL B 278 9.44 -0.30 -2.61
CA VAL B 278 9.73 0.48 -3.80
C VAL B 278 8.88 -0.05 -4.96
N ARG B 279 8.95 -1.35 -5.21
CA ARG B 279 8.17 -1.96 -6.29
C ARG B 279 6.67 -1.64 -6.18
N ALA B 280 6.12 -1.77 -4.98
CA ALA B 280 4.71 -1.50 -4.77
C ALA B 280 4.37 -0.02 -4.97
N CYS B 281 5.30 0.87 -4.62
CA CYS B 281 5.06 2.29 -4.77
C CYS B 281 4.91 2.70 -6.22
N VAL B 282 5.43 1.90 -7.13
CA VAL B 282 5.30 2.19 -8.54
C VAL B 282 4.02 1.53 -9.05
N GLN B 283 3.85 0.25 -8.74
CA GLN B 283 2.68 -0.50 -9.18
C GLN B 283 1.36 0.14 -8.76
N VAL B 284 1.30 0.61 -7.52
CA VAL B 284 0.12 1.24 -6.97
C VAL B 284 -0.14 2.63 -7.59
N LEU B 285 0.91 3.26 -8.11
CA LEU B 285 0.80 4.58 -8.75
C LEU B 285 0.41 4.50 -10.23
N ASP B 286 0.95 3.51 -10.93
CA ASP B 286 0.66 3.31 -12.35
C ASP B 286 0.47 1.81 -12.62
N PRO B 287 -0.62 1.23 -12.10
CA PRO B 287 -0.93 -0.18 -12.26
C PRO B 287 -1.05 -0.68 -13.70
N LYS B 288 -1.70 0.11 -14.54
CA LYS B 288 -1.89 -0.30 -15.93
C LYS B 288 -0.71 0.02 -16.85
N SER B 289 0.42 0.41 -16.25
CA SER B 289 1.63 0.74 -17.00
C SER B 289 1.38 1.66 -18.18
N LYS B 290 0.88 2.86 -17.91
CA LYS B 290 0.60 3.83 -18.95
C LYS B 290 1.67 4.92 -19.07
N TRP B 291 2.35 5.23 -17.97
CA TRP B 291 3.37 6.28 -18.00
C TRP B 291 4.62 5.90 -17.26
N ARG B 292 4.95 4.61 -17.28
CA ARG B 292 6.14 4.13 -16.58
C ARG B 292 7.42 4.89 -16.90
N SER B 293 7.68 5.18 -18.16
CA SER B 293 8.93 5.86 -18.50
C SER B 293 8.98 7.31 -17.98
N LYS B 294 7.85 7.85 -17.54
CA LYS B 294 7.82 9.19 -17.00
C LYS B 294 8.10 9.16 -15.49
N ILE B 295 8.21 7.96 -14.94
CA ILE B 295 8.49 7.80 -13.52
C ILE B 295 9.99 7.63 -13.32
N LEU B 296 10.58 8.50 -12.52
CA LEU B 296 12.00 8.38 -12.21
C LEU B 296 12.09 7.78 -10.79
N LEU B 297 12.27 6.46 -10.73
CA LEU B 297 12.36 5.74 -9.47
C LEU B 297 13.49 6.32 -8.62
N GLY B 298 13.15 6.74 -7.41
CA GLY B 298 14.14 7.35 -6.54
C GLY B 298 15.18 6.45 -5.89
N LEU B 299 16.44 6.88 -5.97
CA LEU B 299 17.53 6.14 -5.35
C LEU B 299 18.35 7.10 -4.51
N ASN B 300 18.77 6.65 -3.33
CA ASN B 300 19.58 7.48 -2.46
C ASN B 300 21.05 7.10 -2.57
N PHE B 301 21.92 8.08 -2.69
CA PHE B 301 23.35 7.80 -2.74
C PHE B 301 23.97 8.11 -1.38
N TYR B 302 23.12 8.53 -0.45
CA TYR B 302 23.57 8.82 0.91
C TYR B 302 23.03 7.69 1.76
N GLY B 303 23.58 7.54 2.96
CA GLY B 303 23.13 6.49 3.85
C GLY B 303 22.71 7.10 5.16
N MET B 304 22.23 6.28 6.09
CA MET B 304 21.82 6.78 7.39
C MET B 304 22.57 6.04 8.50
N ASP B 305 23.07 6.80 9.47
CA ASP B 305 23.81 6.25 10.61
C ASP B 305 22.98 6.44 11.87
N TYR B 306 22.37 5.36 12.33
CA TYR B 306 21.51 5.37 13.51
C TYR B 306 22.23 5.15 14.84
N ALA B 307 21.82 5.93 15.84
CA ALA B 307 22.37 5.81 17.19
C ALA B 307 21.20 5.10 17.87
N THR B 308 21.27 3.77 17.92
CA THR B 308 20.27 2.91 18.53
C THR B 308 19.63 3.18 19.90
N SER B 309 20.40 3.82 20.77
CA SER B 309 19.96 4.14 22.13
C SER B 309 19.49 5.59 22.09
N LYS B 310 20.28 6.48 21.48
CA LYS B 310 19.93 7.89 21.42
C LYS B 310 18.71 8.24 20.55
N ASP B 311 18.12 7.25 19.88
CA ASP B 311 16.96 7.51 19.01
C ASP B 311 17.20 8.73 18.13
N ALA B 312 18.38 8.78 17.52
CA ALA B 312 18.77 9.87 16.66
C ALA B 312 19.49 9.28 15.46
N ARG B 313 19.74 10.10 14.45
CA ARG B 313 20.43 9.60 13.26
C ARG B 313 21.05 10.72 12.44
N GLU B 314 22.09 10.37 11.70
CA GLU B 314 22.76 11.33 10.87
C GLU B 314 22.91 10.79 9.46
N PRO B 315 22.81 11.67 8.46
CA PRO B 315 22.96 11.21 7.08
C PRO B 315 24.46 11.02 6.84
N VAL B 316 24.83 10.03 6.04
CA VAL B 316 26.23 9.80 5.79
C VAL B 316 26.52 9.76 4.30
N VAL B 317 27.47 10.60 3.87
CA VAL B 317 27.86 10.64 2.47
C VAL B 317 29.10 9.76 2.30
N GLY B 318 29.58 9.65 1.06
CA GLY B 318 30.74 8.83 0.78
C GLY B 318 31.95 8.96 1.69
N ALA B 319 32.50 10.17 1.78
CA ALA B 319 33.69 10.41 2.60
C ALA B 319 33.57 9.84 4.01
N ARG B 320 32.43 10.09 4.66
CA ARG B 320 32.22 9.59 6.01
C ARG B 320 32.09 8.06 6.02
N TYR B 321 31.31 7.53 5.08
CA TYR B 321 31.08 6.09 4.98
C TYR B 321 32.42 5.36 5.00
N ILE B 322 33.28 5.73 4.05
CA ILE B 322 34.61 5.13 3.94
C ILE B 322 35.39 5.25 5.24
N GLN B 323 35.43 6.45 5.80
CA GLN B 323 36.15 6.64 7.05
C GLN B 323 35.61 5.68 8.11
N THR B 324 34.29 5.54 8.17
CA THR B 324 33.67 4.66 9.13
C THR B 324 34.15 3.21 8.96
N LEU B 325 34.21 2.74 7.71
CA LEU B 325 34.65 1.37 7.45
C LEU B 325 36.09 1.15 7.89
N LYS B 326 36.92 2.17 7.71
CA LYS B 326 38.33 2.09 8.08
C LYS B 326 38.47 2.09 9.59
N ASP B 327 37.71 2.96 10.24
CA ASP B 327 37.73 3.09 11.69
C ASP B 327 37.20 1.88 12.48
N HIS B 328 36.30 1.11 11.89
CA HIS B 328 35.76 -0.03 12.63
C HIS B 328 35.96 -1.38 11.96
N ARG B 329 36.16 -1.39 10.63
CA ARG B 329 36.34 -2.64 9.87
C ARG B 329 35.17 -3.55 10.27
N PRO B 330 33.93 -3.06 10.07
CA PRO B 330 32.74 -3.85 10.42
C PRO B 330 32.38 -4.99 9.49
N ARG B 331 31.49 -5.83 9.97
CA ARG B 331 31.01 -6.97 9.20
C ARG B 331 29.79 -6.44 8.47
N MET B 332 29.78 -6.59 7.15
CA MET B 332 28.65 -6.11 6.34
C MET B 332 27.59 -7.22 6.29
N VAL B 333 26.37 -6.93 6.74
CA VAL B 333 25.30 -7.92 6.68
C VAL B 333 24.31 -7.57 5.57
N TRP B 334 23.90 -8.58 4.82
CA TRP B 334 22.96 -8.38 3.72
C TRP B 334 21.55 -8.78 4.10
N ASP B 335 20.67 -7.80 4.20
CA ASP B 335 19.27 -8.05 4.51
C ASP B 335 18.67 -8.41 3.17
N SER B 336 18.47 -9.70 2.91
CA SER B 336 17.93 -10.15 1.64
C SER B 336 16.49 -9.71 1.34
N GLN B 337 15.74 -9.36 2.38
CA GLN B 337 14.36 -8.94 2.19
C GLN B 337 14.27 -7.47 1.79
N ALA B 338 14.97 -6.61 2.54
CA ALA B 338 15.01 -5.19 2.22
C ALA B 338 15.93 -5.00 1.01
N SER B 339 16.88 -5.93 0.86
CA SER B 339 17.86 -5.92 -0.22
C SER B 339 18.83 -4.76 -0.06
N GLU B 340 19.39 -4.69 1.13
CA GLU B 340 20.36 -3.66 1.51
C GLU B 340 21.38 -4.26 2.45
N HIS B 341 22.51 -3.57 2.57
CA HIS B 341 23.59 -4.00 3.46
C HIS B 341 23.59 -3.06 4.64
N PHE B 342 23.80 -3.60 5.84
CA PHE B 342 23.91 -2.76 7.01
C PHE B 342 25.06 -3.29 7.83
N PHE B 343 25.56 -2.48 8.75
CA PHE B 343 26.65 -2.92 9.59
C PHE B 343 26.55 -2.22 10.93
N GLU B 344 27.11 -2.85 11.97
CA GLU B 344 27.07 -2.27 13.30
C GLU B 344 28.45 -1.94 13.82
N TYR B 345 28.53 -0.90 14.64
CA TYR B 345 29.79 -0.52 15.25
C TYR B 345 29.44 0.19 16.56
N LYS B 346 30.39 0.27 17.47
CA LYS B 346 30.13 0.90 18.77
C LYS B 346 31.08 2.05 19.07
N LYS B 347 30.50 3.15 19.55
CA LYS B 347 31.29 4.30 19.94
C LYS B 347 31.31 4.30 21.46
N SER B 348 32.44 4.69 22.03
CA SER B 348 32.62 4.74 23.47
C SER B 348 31.56 5.64 24.13
N ARG B 349 31.31 6.79 23.49
CA ARG B 349 30.36 7.79 23.97
C ARG B 349 28.91 7.56 23.54
N SER B 350 28.65 7.65 22.24
CA SER B 350 27.30 7.49 21.68
C SER B 350 26.63 6.17 22.05
N GLY B 351 27.34 5.06 21.86
CA GLY B 351 26.77 3.77 22.16
C GLY B 351 26.87 2.89 20.93
N ARG B 352 25.84 2.09 20.67
CA ARG B 352 25.83 1.21 19.51
C ARG B 352 25.15 1.89 18.32
N HIS B 353 25.75 1.76 17.14
CA HIS B 353 25.23 2.36 15.93
C HIS B 353 24.88 1.32 14.88
N VAL B 354 24.08 1.74 13.90
CA VAL B 354 23.69 0.89 12.78
C VAL B 354 23.70 1.76 11.53
N VAL B 355 24.36 1.30 10.48
CA VAL B 355 24.46 2.06 9.25
C VAL B 355 23.87 1.36 8.02
N PHE B 356 23.11 2.15 7.26
CA PHE B 356 22.48 1.67 6.04
C PHE B 356 22.96 2.59 4.94
N TYR B 357 23.93 2.13 4.17
CA TYR B 357 24.46 2.93 3.08
C TYR B 357 24.42 2.05 1.84
N PRO B 358 24.08 2.61 0.67
CA PRO B 358 24.02 1.81 -0.55
C PRO B 358 25.33 1.12 -0.99
N THR B 359 25.17 -0.07 -1.56
CA THR B 359 26.30 -0.86 -2.09
C THR B 359 25.99 -1.20 -3.55
N LEU B 360 27.00 -1.69 -4.28
CA LEU B 360 26.82 -2.07 -5.67
C LEU B 360 25.67 -3.06 -5.82
N LYS B 361 25.51 -3.92 -4.82
CA LYS B 361 24.43 -4.91 -4.86
C LYS B 361 23.06 -4.25 -4.65
N SER B 362 22.96 -3.37 -3.67
CA SER B 362 21.68 -2.70 -3.40
C SER B 362 21.29 -1.81 -4.57
N LEU B 363 22.29 -1.27 -5.28
CA LEU B 363 22.00 -0.41 -6.42
C LEU B 363 21.59 -1.21 -7.64
N GLN B 364 22.41 -2.19 -8.04
CA GLN B 364 22.13 -3.01 -9.21
C GLN B 364 20.75 -3.65 -9.13
N VAL B 365 20.39 -4.07 -7.92
CA VAL B 365 19.10 -4.70 -7.68
C VAL B 365 17.95 -3.75 -7.97
N ARG B 366 18.13 -2.47 -7.64
CA ARG B 366 17.09 -1.48 -7.87
C ARG B 366 17.05 -0.98 -9.31
N LEU B 367 18.17 -1.12 -10.01
CA LEU B 367 18.25 -0.72 -11.40
C LEU B 367 17.58 -1.82 -12.22
N GLU B 368 17.61 -3.05 -11.71
CA GLU B 368 16.97 -4.16 -12.40
C GLU B 368 15.48 -4.02 -12.18
N LEU B 369 15.10 -3.64 -10.95
CA LEU B 369 13.69 -3.45 -10.64
C LEU B 369 13.14 -2.37 -11.56
N ALA B 370 13.89 -1.28 -11.69
CA ALA B 370 13.46 -0.17 -12.54
C ALA B 370 13.29 -0.66 -13.98
N ARG B 371 14.24 -1.49 -14.40
CA ARG B 371 14.24 -2.05 -15.74
C ARG B 371 12.98 -2.88 -15.94
N GLU B 372 12.72 -3.77 -15.00
CA GLU B 372 11.54 -4.63 -15.06
C GLU B 372 10.23 -3.85 -14.93
N LEU B 373 10.23 -2.79 -14.14
CA LEU B 373 9.02 -1.97 -13.97
C LEU B 373 8.81 -1.01 -15.15
N GLY B 374 9.79 -0.94 -16.04
CA GLY B 374 9.72 -0.06 -17.19
C GLY B 374 9.94 1.41 -16.85
N VAL B 375 10.45 1.68 -15.65
CA VAL B 375 10.67 3.04 -15.17
C VAL B 375 12.10 3.57 -15.22
N GLY B 376 12.22 4.87 -14.98
CA GLY B 376 13.51 5.53 -14.99
C GLY B 376 14.07 5.61 -13.59
N VAL B 377 15.09 6.42 -13.41
CA VAL B 377 15.72 6.53 -12.10
C VAL B 377 16.15 7.97 -11.77
N SER B 378 15.98 8.36 -10.51
CA SER B 378 16.43 9.68 -10.07
C SER B 378 17.35 9.38 -8.88
N ILE B 379 18.47 10.08 -8.83
CA ILE B 379 19.44 9.85 -7.77
C ILE B 379 19.58 11.07 -6.87
N TRP B 380 19.27 10.96 -5.60
CA TRP B 380 19.57 12.05 -4.69
C TRP B 380 20.83 11.82 -3.89
N GLU B 381 21.92 12.39 -4.11
CA GLU B 381 22.44 13.32 -5.07
C GLU B 381 23.89 12.98 -5.30
N LEU B 382 24.57 13.69 -6.17
CA LEU B 382 25.55 13.04 -7.03
C LEU B 382 26.80 13.53 -6.32
N GLY B 383 26.64 13.94 -5.07
CA GLY B 383 27.78 14.40 -4.33
C GLY B 383 27.87 13.57 -3.06
N GLN B 384 26.96 12.60 -2.91
CA GLN B 384 26.94 11.77 -1.70
C GLN B 384 27.37 10.30 -1.78
N GLY B 385 27.55 9.76 -2.98
CA GLY B 385 27.90 8.36 -3.08
C GLY B 385 29.37 8.07 -3.35
N LEU B 386 29.65 6.86 -3.85
CA LEU B 386 31.01 6.43 -4.16
C LEU B 386 31.19 6.41 -5.67
N ASP B 387 32.35 6.88 -6.13
CA ASP B 387 32.63 6.95 -7.56
C ASP B 387 32.39 5.74 -8.44
N TYR B 388 32.66 4.53 -7.95
CA TYR B 388 32.44 3.39 -8.82
C TYR B 388 30.97 3.00 -8.97
N PHE B 389 30.08 3.77 -8.34
CA PHE B 389 28.65 3.50 -8.43
C PHE B 389 28.25 3.75 -9.88
N TYR B 390 28.77 4.83 -10.44
CA TYR B 390 28.46 5.23 -11.79
C TYR B 390 28.75 4.18 -12.86
N ASP B 391 29.59 3.20 -12.55
CA ASP B 391 29.88 2.13 -13.52
C ASP B 391 28.59 1.39 -13.83
N LEU B 392 27.67 1.37 -12.86
CA LEU B 392 26.40 0.68 -13.01
C LEU B 392 25.36 1.42 -13.86
N LEU B 393 25.50 2.73 -13.99
CA LEU B 393 24.57 3.54 -14.75
C LEU B 393 24.81 3.56 -16.25
S SO4 C . -11.96 6.29 -5.61
O1 SO4 C . -11.89 7.52 -4.87
O2 SO4 C . -10.69 5.61 -5.59
O3 SO4 C . -13.03 5.56 -4.98
O4 SO4 C . -12.26 6.53 -6.99
S SO4 D . 4.11 -4.51 -13.16
O1 SO4 D . 2.78 -4.17 -12.78
O2 SO4 D . 5.14 -3.58 -12.79
O3 SO4 D . 4.38 -5.83 -12.62
O4 SO4 D . 4.14 -4.49 -14.59
#